data_6YXV
#
_entry.id   6YXV
#
_cell.length_a   118.050
_cell.length_b   77.127
_cell.length_c   174.934
_cell.angle_alpha   90.000
_cell.angle_beta   101.340
_cell.angle_gamma   90.000
#
_symmetry.space_group_name_H-M   'C 1 2 1'
#
loop_
_entity.id
_entity.type
_entity.pdbx_description
1 polymer 'Focal adhesion kinase 1'
2 non-polymer ~{N}-methyl-~{N}-[3-[(~{E})-[2-phenylazanyl-5-(trifluoromethyl)pyrimidin-4-yl]iminomethyl]pyridin-2-yl]methanesulfonamide
3 non-polymer 'SULFATE ION'
4 water water
#
_entity_poly.entity_id   1
_entity_poly.type   'polypeptide(L)'
_entity_poly.pdbx_seq_one_letter_code
;GSGSTRDYEIQRERIELGRCIGEGQFGDVHQGIYMSPENPALAVAIKTCKNCTSDSVREKFLQEALTMRQFDHPHIVKLI
GVITENPVWIIMELCTLGELRSFLQVRKYSLDLASLILYAYQLSTALAYLESKRFVHRDIAARNVLVSSNDCVKLGDFGL
SRYMEDSTYYKASKGKLPIKWMAPESINFRRFTSASDVWMFGVCMWEILMHGVKPFQGVKNNDVIGRIENGERLPMPPNC
PPTLYSLMTKCWAYDPSRRPRFTELKAQLSTILEEEKAQQEE
;
_entity_poly.pdbx_strand_id   A,B,C,D
#
loop_
_chem_comp.id
_chem_comp.type
_chem_comp.name
_chem_comp.formula
Q2H non-polymer ~{N}-methyl-~{N}-[3-[(~{E})-[2-phenylazanyl-5-(trifluoromethyl)pyrimidin-4-yl]iminomethyl]pyridin-2-yl]methanesulfonamide 'C19 H17 F3 N6 O2 S'
SO4 non-polymer 'SULFATE ION' 'O4 S -2'
#
# COMPACT_ATOMS: atom_id res chain seq x y z
N ASP A 7 22.04 -1.88 -7.00
CA ASP A 7 22.92 -2.72 -6.15
C ASP A 7 22.69 -2.46 -4.64
N TYR A 8 22.91 -1.23 -4.19
CA TYR A 8 22.70 -0.87 -2.78
C TYR A 8 21.27 -0.38 -2.51
N GLU A 9 20.37 -0.32 -3.52
CA GLU A 9 19.02 0.20 -3.28
C GLU A 9 17.99 -0.90 -2.95
N ILE A 10 17.27 -0.73 -1.82
CA ILE A 10 16.26 -1.64 -1.31
C ILE A 10 14.84 -1.06 -1.51
N GLN A 11 13.83 -1.91 -1.80
CA GLN A 11 12.44 -1.47 -1.92
C GLN A 11 11.82 -1.52 -0.50
N ARG A 12 11.23 -0.40 -0.03
CA ARG A 12 10.62 -0.31 1.31
C ARG A 12 9.58 -1.40 1.64
N GLU A 13 8.85 -1.91 0.63
CA GLU A 13 7.85 -2.96 0.85
C GLU A 13 8.47 -4.33 1.18
N ARG A 14 9.81 -4.47 1.02
CA ARG A 14 10.56 -5.67 1.39
C ARG A 14 11.07 -5.62 2.85
N ILE A 15 10.77 -4.54 3.59
CA ILE A 15 11.17 -4.33 4.97
C ILE A 15 9.95 -4.35 5.89
N GLU A 16 10.03 -5.12 6.99
CA GLU A 16 9.02 -5.14 8.02
C GLU A 16 9.69 -4.49 9.24
N LEU A 17 9.16 -3.38 9.71
CA LEU A 17 9.74 -2.64 10.82
C LEU A 17 9.30 -3.20 12.18
N GLY A 18 10.28 -3.35 13.07
CA GLY A 18 10.04 -3.88 14.41
C GLY A 18 10.35 -2.88 15.52
N ARG A 19 10.78 -3.39 16.68
CA ARG A 19 11.05 -2.57 17.87
C ARG A 19 12.23 -1.62 17.76
N CYS A 20 12.21 -0.53 18.52
CA CYS A 20 13.33 0.40 18.55
C CYS A 20 14.43 -0.22 19.41
N ILE A 21 15.65 -0.30 18.84
CA ILE A 21 16.82 -0.85 19.50
C ILE A 21 17.91 0.19 19.81
N GLY A 22 17.57 1.48 19.74
CA GLY A 22 18.53 2.55 20.01
C GLY A 22 18.15 3.85 19.33
N GLU A 23 18.88 4.91 19.69
CA GLU A 23 18.64 6.23 19.15
C GLU A 23 19.93 6.76 18.54
N GLY A 24 19.84 7.24 17.31
CA GLY A 24 20.99 7.81 16.63
C GLY A 24 20.86 9.31 16.43
N GLN A 25 21.92 9.90 15.91
CA GLN A 25 22.02 11.32 15.64
C GLN A 25 20.94 11.83 14.68
N PHE A 26 20.58 11.05 13.65
CA PHE A 26 19.60 11.44 12.65
C PHE A 26 18.17 10.93 12.91
N GLY A 27 18.03 9.90 13.72
CA GLY A 27 16.74 9.30 14.05
C GLY A 27 16.87 7.98 14.79
N ASP A 28 15.72 7.33 15.05
CA ASP A 28 15.69 6.06 15.76
C ASP A 28 16.26 4.91 14.94
N VAL A 29 16.79 3.90 15.65
CA VAL A 29 17.29 2.68 15.04
C VAL A 29 16.34 1.58 15.44
N HIS A 30 15.85 0.81 14.46
CA HIS A 30 14.89 -0.25 14.71
C HIS A 30 15.41 -1.63 14.30
N GLN A 31 14.85 -2.68 14.88
CA GLN A 31 15.08 -4.05 14.47
C GLN A 31 14.04 -4.33 13.37
N GLY A 32 14.28 -5.30 12.50
CA GLY A 32 13.33 -5.64 11.45
C GLY A 32 13.69 -6.89 10.67
N ILE A 33 12.93 -7.12 9.59
CA ILE A 33 13.10 -8.24 8.66
C ILE A 33 13.24 -7.70 7.22
N TYR A 34 14.20 -8.23 6.46
CA TYR A 34 14.41 -7.85 5.08
C TYR A 34 14.09 -9.09 4.27
N MET A 35 13.01 -9.00 3.48
CA MET A 35 12.54 -10.05 2.61
C MET A 35 13.38 -9.99 1.36
N SER A 36 14.54 -10.65 1.38
CA SER A 36 15.54 -10.71 0.32
C SER A 36 14.96 -11.28 -0.97
N PRO A 37 15.30 -10.67 -2.12
CA PRO A 37 14.68 -11.06 -3.40
C PRO A 37 14.48 -12.58 -3.65
N GLU A 38 15.56 -13.39 -3.71
CA GLU A 38 15.40 -14.83 -3.94
C GLU A 38 16.14 -15.62 -2.85
N ASN A 39 16.14 -15.09 -1.63
CA ASN A 39 16.87 -15.62 -0.50
C ASN A 39 15.97 -15.68 0.75
N PRO A 40 16.41 -16.34 1.86
CA PRO A 40 15.56 -16.35 3.06
C PRO A 40 15.61 -14.98 3.74
N ALA A 41 14.51 -14.62 4.44
CA ALA A 41 14.42 -13.34 5.14
C ALA A 41 15.52 -13.14 6.18
N LEU A 42 16.10 -11.95 6.20
CA LEU A 42 17.18 -11.61 7.11
C LEU A 42 16.74 -10.75 8.27
N ALA A 43 17.37 -10.93 9.44
CA ALA A 43 17.18 -10.07 10.58
C ALA A 43 18.10 -8.84 10.31
N VAL A 44 17.54 -7.62 10.37
CA VAL A 44 18.28 -6.40 10.05
C VAL A 44 18.16 -5.35 11.17
N ALA A 45 18.94 -4.25 11.06
CA ALA A 45 18.89 -3.08 11.91
C ALA A 45 18.64 -1.89 10.94
N ILE A 46 17.61 -1.09 11.19
CA ILE A 46 17.22 0.03 10.34
C ILE A 46 17.56 1.39 10.93
N LYS A 47 18.43 2.13 10.27
CA LYS A 47 18.76 3.49 10.67
C LYS A 47 17.76 4.41 10.01
N THR A 48 16.90 5.10 10.79
CA THR A 48 15.92 6.01 10.19
C THR A 48 16.36 7.48 10.32
N CYS A 49 15.80 8.34 9.49
CA CYS A 49 16.14 9.76 9.50
C CYS A 49 14.87 10.61 9.65
N LYS A 50 14.82 11.37 10.74
CA LYS A 50 13.66 12.21 11.05
C LYS A 50 13.55 13.45 10.18
N ASN A 51 14.64 14.20 10.07
CA ASN A 51 14.60 15.41 9.24
C ASN A 51 15.43 15.29 7.94
N CYS A 52 15.31 14.16 7.20
CA CYS A 52 16.08 14.00 5.95
C CYS A 52 15.40 14.55 4.71
N THR A 53 14.37 15.35 4.91
CA THR A 53 13.63 15.96 3.83
C THR A 53 14.46 17.05 3.13
N SER A 54 15.46 17.65 3.85
CA SER A 54 16.40 18.65 3.35
C SER A 54 17.64 17.93 2.85
N ASP A 55 18.19 18.38 1.71
CA ASP A 55 19.35 17.76 1.07
C ASP A 55 20.65 17.82 1.86
N SER A 56 20.75 18.66 2.90
CA SER A 56 21.98 18.76 3.70
C SER A 56 22.09 17.59 4.69
N VAL A 57 20.97 17.27 5.36
CA VAL A 57 20.89 16.17 6.33
C VAL A 57 20.93 14.83 5.60
N ARG A 58 20.23 14.76 4.45
CA ARG A 58 20.14 13.60 3.57
C ARG A 58 21.52 13.18 3.05
N GLU A 59 22.38 14.17 2.75
CA GLU A 59 23.76 13.99 2.26
C GLU A 59 24.64 13.36 3.33
N LYS A 60 24.61 13.93 4.56
CA LYS A 60 25.42 13.47 5.68
C LYS A 60 25.05 12.06 6.14
N PHE A 61 23.74 11.74 6.07
CA PHE A 61 23.22 10.45 6.48
C PHE A 61 23.66 9.33 5.54
N LEU A 62 23.52 9.54 4.22
CA LEU A 62 23.87 8.53 3.23
C LEU A 62 25.37 8.27 3.10
N GLN A 63 26.23 9.20 3.55
CA GLN A 63 27.67 8.98 3.54
C GLN A 63 28.09 7.96 4.65
N GLU A 64 27.28 7.83 5.72
CA GLU A 64 27.53 6.86 6.79
C GLU A 64 27.40 5.42 6.25
N ALA A 65 26.51 5.20 5.26
CA ALA A 65 26.29 3.92 4.60
C ALA A 65 27.45 3.63 3.62
N LEU A 66 27.93 4.67 2.93
CA LEU A 66 29.08 4.61 2.02
C LEU A 66 30.37 4.27 2.80
N THR A 67 30.47 4.73 4.06
CA THR A 67 31.59 4.47 4.95
C THR A 67 31.65 2.98 5.30
N MET A 68 30.50 2.37 5.62
CA MET A 68 30.44 0.94 5.93
C MET A 68 30.58 0.06 4.71
N ARG A 69 30.23 0.58 3.52
CA ARG A 69 30.29 -0.12 2.24
C ARG A 69 31.73 -0.43 1.84
N GLN A 70 32.70 0.40 2.26
CA GLN A 70 34.10 0.17 1.90
C GLN A 70 34.77 -0.94 2.73
N PHE A 71 34.09 -1.47 3.77
CA PHE A 71 34.66 -2.52 4.59
C PHE A 71 33.96 -3.87 4.41
N ASP A 72 34.75 -4.95 4.51
CA ASP A 72 34.27 -6.34 4.41
C ASP A 72 35.08 -7.22 5.40
N HIS A 73 34.60 -7.32 6.64
CA HIS A 73 35.29 -8.08 7.67
C HIS A 73 34.27 -8.79 8.54
N PRO A 74 34.57 -10.05 8.95
CA PRO A 74 33.62 -10.81 9.77
C PRO A 74 33.27 -10.22 11.14
N HIS A 75 34.05 -9.24 11.62
CA HIS A 75 33.80 -8.66 12.94
C HIS A 75 33.51 -7.16 12.88
N ILE A 76 32.92 -6.72 11.77
CA ILE A 76 32.45 -5.36 11.54
C ILE A 76 31.05 -5.50 10.96
N VAL A 77 30.04 -4.76 11.47
CA VAL A 77 28.66 -4.85 10.92
C VAL A 77 28.65 -4.50 9.43
N LYS A 78 27.94 -5.28 8.64
CA LYS A 78 27.89 -5.02 7.22
C LYS A 78 26.61 -4.32 6.80
N LEU A 79 26.77 -3.50 5.78
CA LEU A 79 25.70 -2.73 5.16
C LEU A 79 24.89 -3.67 4.24
N ILE A 80 23.58 -3.64 4.38
CA ILE A 80 22.69 -4.44 3.54
C ILE A 80 22.23 -3.59 2.35
N GLY A 81 21.87 -2.35 2.60
CA GLY A 81 21.44 -1.43 1.56
C GLY A 81 20.85 -0.15 2.09
N VAL A 82 20.28 0.69 1.19
CA VAL A 82 19.64 1.96 1.53
C VAL A 82 18.31 2.12 0.79
N ILE A 83 17.42 2.96 1.35
CA ILE A 83 16.15 3.33 0.73
C ILE A 83 16.25 4.84 0.63
N THR A 84 16.57 5.36 -0.57
CA THR A 84 16.82 6.79 -0.77
C THR A 84 15.54 7.60 -1.04
N GLU A 85 14.35 6.96 -1.11
CA GLU A 85 13.09 7.69 -1.21
C GLU A 85 12.63 8.07 0.22
N ASN A 86 11.93 9.20 0.40
CA ASN A 86 11.56 9.67 1.74
C ASN A 86 10.48 8.81 2.43
N PRO A 87 10.68 8.46 3.73
CA PRO A 87 11.83 8.78 4.58
C PRO A 87 13.04 7.88 4.31
N VAL A 88 14.23 8.48 4.25
CA VAL A 88 15.45 7.72 3.97
C VAL A 88 15.88 6.80 5.12
N TRP A 89 16.19 5.53 4.78
CA TRP A 89 16.63 4.49 5.72
C TRP A 89 17.91 3.81 5.24
N ILE A 90 18.72 3.32 6.19
CA ILE A 90 19.93 2.53 5.95
C ILE A 90 19.75 1.16 6.65
N ILE A 91 19.79 0.08 5.87
CA ILE A 91 19.61 -1.28 6.37
C ILE A 91 20.98 -1.93 6.66
N MET A 92 21.21 -2.28 7.91
CA MET A 92 22.46 -2.90 8.35
C MET A 92 22.14 -4.32 8.84
N GLU A 93 23.16 -5.15 9.09
CA GLU A 93 22.95 -6.49 9.61
C GLU A 93 22.55 -6.42 11.08
N LEU A 94 21.78 -7.41 11.56
CA LEU A 94 21.43 -7.41 12.97
C LEU A 94 22.36 -8.31 13.76
N CYS A 95 22.78 -7.84 14.95
CA CYS A 95 23.57 -8.55 15.95
C CYS A 95 22.54 -8.81 17.01
N THR A 96 21.94 -10.00 16.88
CA THR A 96 20.80 -10.49 17.61
C THR A 96 20.88 -10.30 19.10
N LEU A 97 22.03 -10.64 19.69
CA LEU A 97 22.19 -10.56 21.13
C LEU A 97 22.46 -9.16 21.73
N GLY A 98 22.46 -8.12 20.91
CA GLY A 98 22.57 -6.74 21.37
C GLY A 98 23.91 -6.15 21.75
N GLU A 99 23.90 -5.21 22.71
CA GLU A 99 25.05 -4.45 23.19
C GLU A 99 25.97 -5.28 24.08
N LEU A 100 27.29 -5.15 23.90
CA LEU A 100 28.28 -5.90 24.66
C LEU A 100 28.29 -5.64 26.18
N ARG A 101 28.20 -4.37 26.63
CA ARG A 101 28.25 -4.06 28.08
C ARG A 101 27.07 -4.73 28.79
N SER A 102 25.89 -4.62 28.20
CA SER A 102 24.67 -5.21 28.71
C SER A 102 24.79 -6.73 28.79
N PHE A 103 25.34 -7.38 27.75
CA PHE A 103 25.56 -8.82 27.65
C PHE A 103 26.52 -9.31 28.70
N LEU A 104 27.64 -8.60 28.88
CA LEU A 104 28.63 -8.96 29.89
C LEU A 104 28.10 -8.74 31.30
N GLN A 105 27.26 -7.74 31.54
CA GLN A 105 26.71 -7.49 32.88
C GLN A 105 25.69 -8.59 33.25
N VAL A 106 24.78 -8.93 32.33
CA VAL A 106 23.77 -9.98 32.57
C VAL A 106 24.44 -11.35 32.75
N ARG A 107 25.50 -11.60 31.95
CA ARG A 107 26.22 -12.86 32.01
C ARG A 107 27.51 -12.76 32.82
N LYS A 108 27.52 -11.92 33.86
CA LYS A 108 28.67 -11.67 34.73
C LYS A 108 29.21 -12.96 35.39
N TYR A 109 28.32 -13.94 35.58
CA TYR A 109 28.65 -15.19 36.22
C TYR A 109 28.55 -16.39 35.24
N SER A 110 27.75 -16.27 34.15
CA SER A 110 27.62 -17.39 33.20
C SER A 110 28.61 -17.35 32.03
N LEU A 111 29.64 -16.48 32.09
CA LEU A 111 30.65 -16.34 31.03
C LEU A 111 32.08 -16.65 31.45
N ASP A 112 32.68 -17.67 30.81
CA ASP A 112 34.04 -18.08 31.16
C ASP A 112 35.14 -17.15 30.58
N LEU A 113 36.35 -17.17 31.17
CA LEU A 113 37.49 -16.36 30.77
C LEU A 113 37.89 -16.55 29.31
N ALA A 114 37.79 -17.78 28.79
CA ALA A 114 38.12 -18.05 27.38
C ALA A 114 37.24 -17.23 26.44
N SER A 115 35.97 -17.00 26.82
CA SER A 115 35.04 -16.22 25.99
C SER A 115 35.44 -14.76 25.97
N LEU A 116 35.86 -14.19 27.14
CA LEU A 116 36.27 -12.81 27.25
C LEU A 116 37.49 -12.52 26.41
N ILE A 117 38.47 -13.44 26.41
CA ILE A 117 39.69 -13.30 25.60
C ILE A 117 39.37 -13.44 24.11
N LEU A 118 38.40 -14.30 23.74
CA LEU A 118 37.98 -14.49 22.36
C LEU A 118 37.43 -13.19 21.80
N TYR A 119 36.61 -12.47 22.60
CA TYR A 119 36.00 -11.21 22.19
C TYR A 119 37.08 -10.17 21.93
N ALA A 120 38.05 -10.08 22.84
CA ALA A 120 39.19 -9.18 22.73
C ALA A 120 40.00 -9.50 21.47
N TYR A 121 40.24 -10.81 21.18
CA TYR A 121 40.96 -11.26 19.99
C TYR A 121 40.20 -10.89 18.72
N GLN A 122 38.89 -11.21 18.65
CA GLN A 122 38.07 -10.91 17.46
C GLN A 122 38.11 -9.42 17.12
N LEU A 123 38.11 -8.55 18.13
CA LEU A 123 38.15 -7.09 17.91
C LEU A 123 39.50 -6.64 17.37
N SER A 124 40.60 -7.24 17.83
CA SER A 124 41.93 -6.91 17.34
C SER A 124 42.07 -7.32 15.85
N THR A 125 41.35 -8.38 15.39
CA THR A 125 41.36 -8.73 13.97
C THR A 125 40.61 -7.67 13.14
N ALA A 126 39.52 -7.11 13.67
CA ALA A 126 38.79 -6.05 12.97
C ALA A 126 39.63 -4.75 12.89
N LEU A 127 40.34 -4.44 13.99
CA LEU A 127 41.16 -3.25 14.13
C LEU A 127 42.47 -3.32 13.36
N ALA A 128 43.00 -4.53 13.15
CA ALA A 128 44.17 -4.76 12.30
C ALA A 128 43.75 -4.61 10.83
N TYR A 129 42.51 -5.05 10.47
CA TYR A 129 41.96 -4.92 9.13
C TYR A 129 41.81 -3.43 8.83
N LEU A 130 41.24 -2.66 9.78
CA LEU A 130 41.11 -1.22 9.66
C LEU A 130 42.49 -0.54 9.53
N GLU A 131 43.52 -1.00 10.28
CA GLU A 131 44.88 -0.48 10.22
C GLU A 131 45.49 -0.74 8.83
N SER A 132 45.21 -1.91 8.25
CA SER A 132 45.64 -2.31 6.91
C SER A 132 45.09 -1.36 5.83
N LYS A 133 43.87 -0.82 6.04
CA LYS A 133 43.22 0.16 5.17
C LYS A 133 43.52 1.62 5.60
N ARG A 134 44.48 1.83 6.53
CA ARG A 134 44.89 3.13 7.07
C ARG A 134 43.70 3.94 7.58
N PHE A 135 42.81 3.27 8.32
CA PHE A 135 41.62 3.93 8.85
C PHE A 135 41.67 4.06 10.38
N VAL A 136 41.46 5.27 10.87
CA VAL A 136 41.48 5.53 12.31
C VAL A 136 40.04 5.59 12.81
N HIS A 137 39.69 4.66 13.70
CA HIS A 137 38.33 4.55 14.22
C HIS A 137 37.84 5.74 15.06
N ARG A 138 38.71 6.21 15.97
CA ARG A 138 38.52 7.36 16.88
C ARG A 138 37.54 7.14 18.04
N ASP A 139 36.99 5.93 18.18
CA ASP A 139 36.01 5.68 19.25
C ASP A 139 35.82 4.22 19.62
N ILE A 140 36.92 3.59 20.02
CA ILE A 140 36.94 2.20 20.46
C ILE A 140 36.59 2.07 21.94
N ALA A 141 35.39 1.58 22.21
CA ALA A 141 34.87 1.36 23.54
C ALA A 141 33.84 0.20 23.49
N ALA A 142 33.62 -0.50 24.61
CA ALA A 142 32.65 -1.60 24.64
C ALA A 142 31.20 -1.16 24.30
N ARG A 143 30.94 0.12 24.41
CA ARG A 143 29.74 0.88 24.09
C ARG A 143 29.38 0.66 22.58
N ASN A 144 30.39 0.56 21.71
CA ASN A 144 30.24 0.40 20.27
C ASN A 144 30.56 -1.02 19.78
N VAL A 145 30.38 -2.02 20.64
CA VAL A 145 30.61 -3.41 20.28
C VAL A 145 29.26 -4.12 20.44
N LEU A 146 28.88 -4.95 19.43
CA LEU A 146 27.62 -5.69 19.44
C LEU A 146 27.84 -7.21 19.43
N VAL A 147 26.84 -7.98 19.87
CA VAL A 147 26.96 -9.43 20.02
C VAL A 147 26.04 -10.17 19.03
N SER A 148 26.63 -10.88 18.02
CA SER A 148 25.90 -11.67 17.02
C SER A 148 25.51 -13.02 17.57
N SER A 149 26.39 -13.63 18.37
CA SER A 149 26.20 -14.95 18.98
C SER A 149 27.10 -15.06 20.22
N ASN A 150 26.97 -16.15 20.99
CA ASN A 150 27.80 -16.35 22.17
C ASN A 150 29.31 -16.35 21.84
N ASP A 151 29.68 -16.71 20.61
CA ASP A 151 31.09 -16.73 20.23
C ASP A 151 31.40 -15.77 19.10
N CYS A 152 30.69 -14.63 19.05
CA CYS A 152 30.92 -13.63 18.01
C CYS A 152 30.47 -12.22 18.39
N VAL A 153 31.45 -11.30 18.41
CA VAL A 153 31.24 -9.87 18.63
C VAL A 153 31.67 -9.10 17.38
N LYS A 154 31.10 -7.91 17.18
CA LYS A 154 31.46 -7.08 16.04
C LYS A 154 31.54 -5.60 16.42
N LEU A 155 32.32 -4.83 15.67
CA LEU A 155 32.35 -3.38 15.83
C LEU A 155 31.03 -2.87 15.25
N GLY A 156 30.36 -2.01 16.02
CA GLY A 156 29.09 -1.42 15.60
C GLY A 156 29.25 -0.36 14.54
N ASP A 157 28.12 0.13 13.98
CA ASP A 157 28.07 1.16 12.94
C ASP A 157 28.91 2.40 13.30
N PHE A 158 29.72 2.85 12.35
CA PHE A 158 30.64 3.96 12.54
C PHE A 158 29.94 5.30 12.68
N GLY A 159 28.82 5.48 11.98
CA GLY A 159 28.00 6.68 12.10
C GLY A 159 27.32 6.77 13.46
N LEU A 160 26.81 5.63 13.96
CA LEU A 160 26.14 5.55 15.26
C LEU A 160 27.12 5.69 16.46
N SER A 161 28.43 5.54 16.21
CA SER A 161 29.48 5.69 17.21
C SER A 161 29.66 7.18 17.49
N ARG A 162 29.12 7.62 18.64
CA ARG A 162 29.02 9.01 19.12
C ARG A 162 30.06 10.01 18.58
N TYR A 163 31.36 9.77 18.80
CA TYR A 163 32.46 10.70 18.49
C TYR A 163 33.43 10.20 17.39
N MET A 164 33.10 10.41 16.10
CA MET A 164 33.99 9.98 15.03
C MET A 164 34.24 11.09 14.00
N LEU A 177 33.08 14.42 24.48
CA LEU A 177 34.28 13.61 24.18
C LEU A 177 34.43 12.41 25.12
N PRO A 178 34.89 11.22 24.62
CA PRO A 178 35.11 10.08 25.53
C PRO A 178 36.50 10.07 26.21
N ILE A 179 36.79 11.09 27.03
CA ILE A 179 38.05 11.34 27.74
C ILE A 179 38.66 10.13 28.49
N LYS A 180 37.83 9.32 29.17
CA LYS A 180 38.31 8.16 29.93
C LYS A 180 38.80 6.99 29.07
N TRP A 181 38.69 7.11 27.74
CA TRP A 181 39.11 6.11 26.75
C TRP A 181 40.26 6.63 25.87
N MET A 182 40.47 7.96 25.83
CA MET A 182 41.42 8.62 24.95
C MET A 182 42.88 8.66 25.41
N ALA A 183 43.76 8.54 24.41
CA ALA A 183 45.21 8.61 24.55
C ALA A 183 45.57 10.05 24.92
N PRO A 184 46.65 10.26 25.67
CA PRO A 184 47.00 11.64 26.07
C PRO A 184 47.19 12.63 24.91
N GLU A 185 47.72 12.19 23.76
CA GLU A 185 47.89 13.10 22.61
C GLU A 185 46.54 13.50 21.97
N SER A 186 45.48 12.69 22.17
CA SER A 186 44.13 12.98 21.69
C SER A 186 43.43 13.98 22.61
N ILE A 187 43.73 13.95 23.92
CA ILE A 187 43.17 14.86 24.91
C ILE A 187 43.91 16.18 24.85
N ASN A 188 45.23 16.14 24.80
CA ASN A 188 46.04 17.35 24.79
C ASN A 188 46.09 18.08 23.44
N PHE A 189 46.16 17.35 22.31
CA PHE A 189 46.33 18.01 21.02
C PHE A 189 45.33 17.61 19.95
N ARG A 190 44.33 16.79 20.28
CA ARG A 190 43.35 16.28 19.32
C ARG A 190 44.03 15.54 18.16
N ARG A 191 45.07 14.76 18.50
CA ARG A 191 45.84 13.95 17.57
C ARG A 191 45.27 12.55 17.55
N PHE A 192 44.78 12.11 16.39
CA PHE A 192 44.20 10.79 16.25
C PHE A 192 44.93 9.99 15.19
N THR A 193 45.66 8.97 15.65
CA THR A 193 46.45 8.05 14.84
C THR A 193 46.05 6.60 15.16
N SER A 194 46.62 5.61 14.44
CA SER A 194 46.41 4.21 14.77
C SER A 194 46.96 3.88 16.16
N ALA A 195 48.02 4.60 16.62
CA ALA A 195 48.62 4.44 17.95
C ALA A 195 47.66 4.91 19.05
N SER A 196 46.85 5.96 18.76
CA SER A 196 45.86 6.43 19.73
C SER A 196 44.68 5.45 19.82
N ASP A 197 44.36 4.72 18.72
CA ASP A 197 43.34 3.69 18.66
C ASP A 197 43.76 2.49 19.53
N VAL A 198 45.08 2.17 19.58
CA VAL A 198 45.63 1.09 20.39
C VAL A 198 45.41 1.40 21.88
N TRP A 199 45.55 2.68 22.30
CA TRP A 199 45.29 3.10 23.68
C TRP A 199 43.84 2.80 24.03
N MET A 200 42.90 3.22 23.16
CA MET A 200 41.45 3.02 23.26
C MET A 200 41.09 1.54 23.30
N PHE A 201 41.73 0.70 22.48
CA PHE A 201 41.51 -0.74 22.48
C PHE A 201 41.92 -1.38 23.82
N GLY A 202 42.98 -0.86 24.43
CA GLY A 202 43.44 -1.35 25.73
C GLY A 202 42.38 -1.14 26.81
N VAL A 203 41.73 0.07 26.79
CA VAL A 203 40.66 0.40 27.73
C VAL A 203 39.44 -0.48 27.45
N CYS A 204 39.17 -0.87 26.16
CA CYS A 204 38.05 -1.74 25.75
C CYS A 204 38.29 -3.13 26.29
N MET A 205 39.52 -3.64 26.20
CA MET A 205 39.88 -4.95 26.75
C MET A 205 39.68 -4.98 28.29
N TRP A 206 39.98 -3.87 28.96
CA TRP A 206 39.81 -3.78 30.41
C TRP A 206 38.33 -3.89 30.77
N GLU A 207 37.45 -3.20 30.01
CA GLU A 207 35.99 -3.20 30.20
C GLU A 207 35.42 -4.59 29.96
N ILE A 208 35.96 -5.31 28.95
CA ILE A 208 35.56 -6.69 28.63
C ILE A 208 35.84 -7.59 29.83
N LEU A 209 37.09 -7.55 30.33
CA LEU A 209 37.57 -8.36 31.45
C LEU A 209 36.91 -7.96 32.78
N MET A 210 36.42 -6.71 32.89
CA MET A 210 35.69 -6.23 34.05
C MET A 210 34.18 -6.50 33.97
N HIS A 211 33.69 -7.18 32.89
CA HIS A 211 32.30 -7.54 32.65
C HIS A 211 31.37 -6.34 32.46
N GLY A 212 31.81 -5.36 31.68
CA GLY A 212 30.99 -4.20 31.36
C GLY A 212 31.01 -3.04 32.35
N VAL A 213 32.06 -2.95 33.17
CA VAL A 213 32.22 -1.85 34.12
C VAL A 213 32.97 -0.71 33.42
N LYS A 214 32.50 0.53 33.58
CA LYS A 214 33.12 1.69 32.95
C LYS A 214 34.43 2.08 33.62
N PRO A 215 35.45 2.50 32.84
CA PRO A 215 36.72 2.89 33.45
C PRO A 215 36.61 4.23 34.17
N PHE A 216 37.43 4.41 35.23
CA PHE A 216 37.51 5.63 36.03
C PHE A 216 36.17 6.12 36.60
N GLN A 217 35.39 5.21 37.25
CA GLN A 217 34.13 5.65 37.85
C GLN A 217 34.38 6.48 39.09
N GLY A 218 33.60 7.55 39.27
CA GLY A 218 33.77 8.47 40.39
C GLY A 218 34.92 9.48 40.21
N VAL A 219 35.48 9.56 38.99
CA VAL A 219 36.58 10.46 38.63
C VAL A 219 36.06 11.45 37.57
N LYS A 220 36.31 12.74 37.74
CA LYS A 220 35.86 13.77 36.79
C LYS A 220 36.79 13.80 35.60
N ASN A 221 36.24 14.00 34.41
CA ASN A 221 37.00 14.04 33.15
C ASN A 221 38.27 14.90 33.19
N ASN A 222 38.22 16.07 33.88
CA ASN A 222 39.38 16.97 33.96
C ASN A 222 40.47 16.42 34.86
N ASP A 223 40.10 15.65 35.90
CA ASP A 223 41.06 15.02 36.81
C ASP A 223 41.77 13.85 36.13
N VAL A 224 41.17 13.25 35.07
CA VAL A 224 41.69 12.10 34.36
C VAL A 224 43.09 12.35 33.78
N ILE A 225 43.30 13.40 32.99
CA ILE A 225 44.62 13.67 32.38
C ILE A 225 45.73 13.93 33.43
N GLY A 226 45.37 14.51 34.57
CA GLY A 226 46.32 14.76 35.65
C GLY A 226 46.86 13.49 36.26
N ARG A 227 45.99 12.49 36.43
CA ARG A 227 46.33 11.17 36.95
C ARG A 227 47.17 10.38 35.95
N ILE A 228 46.79 10.41 34.66
CA ILE A 228 47.49 9.69 33.58
C ILE A 228 48.90 10.22 33.40
N GLU A 229 49.06 11.56 33.39
CA GLU A 229 50.39 12.15 33.24
C GLU A 229 51.30 11.86 34.43
N ASN A 230 50.72 11.60 35.61
CA ASN A 230 51.44 11.21 36.82
C ASN A 230 51.74 9.67 36.86
N GLY A 231 51.34 8.91 35.82
CA GLY A 231 51.62 7.48 35.72
C GLY A 231 50.54 6.54 36.19
N GLU A 232 49.39 7.08 36.60
CA GLU A 232 48.27 6.26 37.05
C GLU A 232 47.57 5.53 35.89
N ARG A 233 47.35 4.20 36.05
CA ARG A 233 46.73 3.33 35.05
C ARG A 233 45.60 2.52 35.68
N LEU A 234 44.65 2.02 34.83
CA LEU A 234 43.53 1.19 35.26
C LEU A 234 44.09 -0.08 35.92
N PRO A 235 43.50 -0.53 37.05
CA PRO A 235 44.07 -1.70 37.76
C PRO A 235 43.87 -3.03 37.06
N MET A 236 44.64 -4.06 37.48
CA MET A 236 44.47 -5.39 36.89
C MET A 236 43.12 -5.99 37.30
N PRO A 237 42.23 -6.30 36.34
CA PRO A 237 40.93 -6.87 36.71
C PRO A 237 41.04 -8.22 37.40
N PRO A 238 40.14 -8.53 38.36
CA PRO A 238 40.16 -9.84 39.02
C PRO A 238 40.12 -11.01 38.02
N ASN A 239 40.97 -12.02 38.22
CA ASN A 239 41.06 -13.21 37.34
C ASN A 239 41.65 -12.93 35.94
N CYS A 240 42.08 -11.69 35.69
CA CYS A 240 42.70 -11.36 34.40
C CYS A 240 44.08 -11.99 34.38
N PRO A 241 44.43 -12.80 33.36
CA PRO A 241 45.77 -13.38 33.31
C PRO A 241 46.85 -12.30 33.35
N PRO A 242 47.93 -12.49 34.14
CA PRO A 242 48.97 -11.45 34.22
C PRO A 242 49.55 -11.04 32.87
N THR A 243 49.67 -12.01 31.94
CA THR A 243 50.18 -11.79 30.59
C THR A 243 49.23 -10.87 29.79
N LEU A 244 47.91 -10.98 30.04
CA LEU A 244 46.92 -10.15 29.39
C LEU A 244 46.96 -8.73 29.95
N TYR A 245 47.18 -8.59 31.28
CA TYR A 245 47.25 -7.25 31.87
C TYR A 245 48.53 -6.52 31.45
N SER A 246 49.62 -7.27 31.23
CA SER A 246 50.88 -6.70 30.74
C SER A 246 50.67 -6.18 29.30
N LEU A 247 49.83 -6.86 28.49
CA LEU A 247 49.49 -6.42 27.13
C LEU A 247 48.71 -5.09 27.17
N MET A 248 47.71 -4.98 28.07
CA MET A 248 46.95 -3.75 28.27
C MET A 248 47.94 -2.58 28.66
N THR A 249 48.88 -2.80 29.64
CA THR A 249 49.81 -1.74 30.06
C THR A 249 50.74 -1.29 28.91
N LYS A 250 51.03 -2.17 27.92
CA LYS A 250 51.85 -1.76 26.76
C LYS A 250 51.02 -0.84 25.84
N CYS A 251 49.69 -1.07 25.74
CA CYS A 251 48.74 -0.22 24.99
C CYS A 251 48.67 1.19 25.58
N TRP A 252 48.95 1.31 26.90
CA TRP A 252 48.89 2.54 27.70
C TRP A 252 50.27 3.28 27.87
N ALA A 253 51.22 3.01 26.98
CA ALA A 253 52.53 3.68 26.99
C ALA A 253 52.29 5.13 26.63
N TYR A 254 52.76 6.08 27.43
CA TYR A 254 52.58 7.51 27.17
C TYR A 254 53.03 7.91 25.74
N ASP A 255 54.23 7.45 25.36
CA ASP A 255 54.83 7.65 24.05
C ASP A 255 54.13 6.72 23.09
N PRO A 256 53.40 7.27 22.10
CA PRO A 256 52.67 6.40 21.17
C PRO A 256 53.55 5.48 20.33
N SER A 257 54.82 5.85 20.12
CA SER A 257 55.73 4.97 19.38
C SER A 257 56.10 3.70 20.19
N ARG A 258 55.89 3.73 21.53
CA ARG A 258 56.14 2.59 22.40
C ARG A 258 54.97 1.59 22.48
N ARG A 259 53.81 1.94 21.92
CA ARG A 259 52.63 1.08 21.89
C ARG A 259 52.77 0.04 20.81
N PRO A 260 52.27 -1.19 21.04
CA PRO A 260 52.31 -2.20 19.98
C PRO A 260 51.32 -1.92 18.84
N ARG A 261 51.51 -2.58 17.70
CA ARG A 261 50.58 -2.45 16.57
C ARG A 261 49.50 -3.55 16.68
N PHE A 262 48.42 -3.43 15.91
CA PHE A 262 47.34 -4.39 15.96
C PHE A 262 47.72 -5.80 15.48
N THR A 263 48.73 -5.90 14.62
CA THR A 263 49.21 -7.21 14.15
C THR A 263 49.85 -7.97 15.33
N GLU A 264 50.64 -7.25 16.16
CA GLU A 264 51.30 -7.81 17.34
C GLU A 264 50.30 -8.10 18.44
N LEU A 265 49.27 -7.23 18.59
CA LEU A 265 48.19 -7.40 19.54
C LEU A 265 47.40 -8.65 19.20
N LYS A 266 47.09 -8.87 17.91
CA LYS A 266 46.34 -10.02 17.41
C LYS A 266 47.07 -11.34 17.69
N ALA A 267 48.38 -11.40 17.38
CA ALA A 267 49.23 -12.56 17.57
C ALA A 267 49.40 -12.90 19.05
N GLN A 268 49.57 -11.89 19.91
CA GLN A 268 49.74 -12.08 21.34
C GLN A 268 48.43 -12.46 22.03
N LEU A 269 47.30 -11.94 21.53
CA LEU A 269 45.98 -12.31 22.02
C LEU A 269 45.64 -13.76 21.66
N SER A 270 46.16 -14.25 20.52
CA SER A 270 45.97 -15.61 20.08
C SER A 270 46.72 -16.57 20.99
N THR A 271 47.92 -16.18 21.45
CA THR A 271 48.73 -16.99 22.34
C THR A 271 48.07 -17.09 23.72
N ILE A 272 47.67 -15.93 24.29
CA ILE A 272 46.98 -15.89 25.58
C ILE A 272 45.69 -16.70 25.56
N LEU A 273 44.97 -16.70 24.40
CA LEU A 273 43.72 -17.45 24.22
C LEU A 273 43.96 -18.96 24.22
N GLU A 274 44.93 -19.45 23.44
CA GLU A 274 45.22 -20.88 23.40
C GLU A 274 45.76 -21.42 24.73
N GLU A 275 46.49 -20.59 25.49
CA GLU A 275 46.98 -21.01 26.81
C GLU A 275 45.83 -21.15 27.82
N GLU A 276 44.76 -20.36 27.66
CA GLU A 276 43.58 -20.43 28.52
C GLU A 276 42.73 -21.64 28.15
N LYS A 277 42.62 -21.94 26.85
CA LYS A 277 41.87 -23.09 26.36
C LYS A 277 42.49 -24.41 26.82
N ALA A 278 43.82 -24.45 26.94
CA ALA A 278 44.52 -25.63 27.43
C ALA A 278 44.80 -25.56 28.95
N GLN A 279 44.16 -24.61 29.67
CA GLN A 279 44.25 -24.38 31.11
C GLN A 279 45.70 -24.36 31.64
N TYR B 8 22.61 -31.43 9.01
CA TYR B 8 21.71 -30.27 9.10
C TYR B 8 21.25 -30.03 10.53
N GLU B 9 22.15 -30.20 11.50
CA GLU B 9 21.87 -30.08 12.94
C GLU B 9 22.11 -28.66 13.47
N ILE B 10 21.17 -28.11 14.30
CA ILE B 10 21.22 -26.74 14.84
C ILE B 10 21.39 -26.73 16.37
N GLN B 11 22.16 -25.77 16.91
CA GLN B 11 22.35 -25.65 18.34
C GLN B 11 21.25 -24.70 18.86
N ARG B 12 20.46 -25.14 19.86
CA ARG B 12 19.35 -24.35 20.42
C ARG B 12 19.70 -22.93 20.92
N GLU B 13 20.94 -22.72 21.39
CA GLU B 13 21.37 -21.39 21.84
C GLU B 13 21.52 -20.37 20.69
N ARG B 14 21.48 -20.87 19.43
CA ARG B 14 21.55 -20.04 18.23
C ARG B 14 20.12 -19.62 17.74
N ILE B 15 19.06 -20.03 18.47
CA ILE B 15 17.68 -19.71 18.17
C ILE B 15 17.12 -18.77 19.23
N GLU B 16 16.48 -17.69 18.83
CA GLU B 16 15.76 -16.78 19.72
C GLU B 16 14.27 -17.04 19.39
N LEU B 17 13.50 -17.50 20.38
CA LEU B 17 12.10 -17.83 20.17
C LEU B 17 11.19 -16.62 20.25
N GLY B 18 10.31 -16.46 19.27
CA GLY B 18 9.39 -15.35 19.20
C GLY B 18 7.93 -15.74 19.33
N ARG B 19 7.03 -14.96 18.71
CA ARG B 19 5.59 -15.16 18.82
C ARG B 19 5.06 -16.45 18.17
N CYS B 20 3.94 -16.97 18.66
CA CYS B 20 3.30 -18.14 18.07
C CYS B 20 2.60 -17.70 16.81
N ILE B 21 2.88 -18.35 15.68
CA ILE B 21 2.29 -18.04 14.38
C ILE B 21 1.36 -19.15 13.84
N GLY B 22 0.97 -20.10 14.69
CA GLY B 22 0.11 -21.21 14.30
C GLY B 22 0.26 -22.45 15.17
N GLU B 23 -0.62 -23.42 14.99
CA GLU B 23 -0.54 -24.67 15.75
C GLU B 23 -0.48 -25.83 14.75
N GLY B 24 0.39 -26.77 15.04
CA GLY B 24 0.59 -27.96 14.21
C GLY B 24 0.20 -29.23 14.93
N GLN B 25 0.25 -30.33 14.20
CA GLN B 25 -0.11 -31.64 14.70
C GLN B 25 0.68 -32.08 15.91
N PHE B 26 1.98 -31.78 15.96
CA PHE B 26 2.87 -32.19 17.07
C PHE B 26 3.08 -31.12 18.15
N GLY B 27 2.83 -29.85 17.81
CA GLY B 27 2.99 -28.74 18.74
C GLY B 27 2.83 -27.37 18.08
N ASP B 28 3.08 -26.30 18.84
CA ASP B 28 2.97 -24.94 18.33
C ASP B 28 4.06 -24.58 17.31
N VAL B 29 3.76 -23.64 16.43
CA VAL B 29 4.71 -23.13 15.46
C VAL B 29 5.00 -21.67 15.86
N HIS B 30 6.28 -21.33 15.98
CA HIS B 30 6.68 -20.00 16.39
C HIS B 30 7.50 -19.30 15.32
N GLN B 31 7.55 -17.98 15.38
CA GLN B 31 8.44 -17.16 14.59
C GLN B 31 9.73 -17.04 15.43
N GLY B 32 10.87 -16.75 14.81
CA GLY B 32 12.12 -16.62 15.54
C GLY B 32 13.28 -16.15 14.70
N ILE B 33 14.47 -16.14 15.29
CA ILE B 33 15.73 -15.74 14.66
C ILE B 33 16.77 -16.86 14.79
N TYR B 34 17.46 -17.20 13.69
CA TYR B 34 18.49 -18.21 13.72
C TYR B 34 19.80 -17.46 13.48
N MET B 35 20.65 -17.45 14.50
CA MET B 35 21.96 -16.83 14.48
C MET B 35 22.89 -17.79 13.79
N SER B 36 22.95 -17.72 12.45
CA SER B 36 23.74 -18.57 11.56
C SER B 36 25.22 -18.45 11.88
N PRO B 37 25.96 -19.60 11.90
CA PRO B 37 27.37 -19.60 12.35
C PRO B 37 28.26 -18.41 11.92
N GLU B 38 28.53 -18.23 10.61
CA GLU B 38 29.34 -17.09 10.18
C GLU B 38 28.60 -16.32 9.08
N ASN B 39 27.28 -16.19 9.24
CA ASN B 39 26.38 -15.59 8.26
C ASN B 39 25.40 -14.63 8.98
N PRO B 40 24.63 -13.80 8.25
CA PRO B 40 23.67 -12.91 8.93
C PRO B 40 22.48 -13.72 9.45
N ALA B 41 21.90 -13.25 10.58
CA ALA B 41 20.77 -13.88 11.25
C ALA B 41 19.56 -14.00 10.31
N LEU B 42 18.89 -15.17 10.34
CA LEU B 42 17.73 -15.43 9.52
C LEU B 42 16.43 -15.37 10.28
N ALA B 43 15.36 -14.92 9.61
CA ALA B 43 14.02 -14.97 10.16
C ALA B 43 13.51 -16.40 9.86
N VAL B 44 13.04 -17.11 10.88
CA VAL B 44 12.67 -18.53 10.76
C VAL B 44 11.28 -18.88 11.37
N ALA B 45 10.78 -20.08 11.04
CA ALA B 45 9.55 -20.61 11.57
C ALA B 45 9.98 -21.89 12.30
N ILE B 46 9.63 -21.98 13.60
CA ILE B 46 10.00 -23.11 14.43
C ILE B 46 8.85 -24.06 14.70
N LYS B 47 8.98 -25.31 14.22
CA LYS B 47 7.98 -26.35 14.49
C LYS B 47 8.37 -26.99 15.79
N THR B 48 7.56 -26.85 16.84
CA THR B 48 7.88 -27.47 18.12
C THR B 48 7.11 -28.76 18.34
N CYS B 49 7.72 -29.64 19.09
CA CYS B 49 7.13 -30.90 19.44
C CYS B 49 7.08 -30.84 20.97
N LYS B 50 5.91 -31.19 21.53
CA LYS B 50 5.72 -31.17 22.97
C LYS B 50 5.86 -32.52 23.63
N ASN B 51 5.23 -33.54 23.06
CA ASN B 51 5.17 -34.89 23.61
C ASN B 51 6.08 -35.93 22.95
N CYS B 52 7.06 -35.55 22.08
CA CYS B 52 7.87 -36.60 21.48
C CYS B 52 9.03 -37.07 22.36
N THR B 53 8.74 -37.14 23.66
CA THR B 53 9.57 -37.77 24.66
C THR B 53 9.65 -39.31 24.33
N SER B 54 8.62 -39.86 23.62
CA SER B 54 8.53 -41.23 23.14
C SER B 54 9.11 -41.28 21.72
N ASP B 55 9.85 -42.35 21.42
CA ASP B 55 10.53 -42.53 20.14
C ASP B 55 9.59 -42.70 18.94
N SER B 56 8.28 -42.97 19.15
CA SER B 56 7.33 -43.15 18.05
C SER B 56 6.90 -41.79 17.47
N VAL B 57 6.62 -40.82 18.35
CA VAL B 57 6.23 -39.47 17.97
C VAL B 57 7.45 -38.70 17.42
N ARG B 58 8.61 -38.90 18.06
CA ARG B 58 9.89 -38.30 17.70
C ARG B 58 10.31 -38.71 16.28
N GLU B 59 10.04 -39.97 15.90
CA GLU B 59 10.33 -40.56 14.59
C GLU B 59 9.49 -39.90 13.51
N LYS B 60 8.16 -39.80 13.73
CA LYS B 60 7.23 -39.22 12.76
C LYS B 60 7.48 -37.75 12.51
N PHE B 61 7.89 -37.02 13.56
CA PHE B 61 8.17 -35.60 13.50
C PHE B 61 9.42 -35.30 12.67
N LEU B 62 10.53 -36.01 12.94
CA LEU B 62 11.79 -35.78 12.24
C LEU B 62 11.79 -36.24 10.76
N GLN B 63 10.86 -37.12 10.35
CA GLN B 63 10.75 -37.54 8.93
C GLN B 63 10.10 -36.42 8.09
N GLU B 64 9.29 -35.53 8.71
CA GLU B 64 8.71 -34.37 8.04
C GLU B 64 9.81 -33.37 7.59
N ALA B 65 10.90 -33.29 8.34
CA ALA B 65 12.05 -32.47 8.02
C ALA B 65 12.85 -33.10 6.88
N LEU B 66 12.99 -34.43 6.90
CA LEU B 66 13.66 -35.19 5.87
C LEU B 66 12.87 -35.11 4.54
N THR B 67 11.54 -34.99 4.60
CA THR B 67 10.65 -34.82 3.46
C THR B 67 10.93 -33.47 2.77
N MET B 68 11.06 -32.40 3.54
CA MET B 68 11.37 -31.08 2.98
C MET B 68 12.82 -30.95 2.53
N ARG B 69 13.72 -31.76 3.10
CA ARG B 69 15.14 -31.76 2.78
C ARG B 69 15.43 -32.26 1.36
N GLN B 70 14.55 -33.11 0.82
CA GLN B 70 14.73 -33.62 -0.54
C GLN B 70 14.35 -32.61 -1.62
N PHE B 71 13.76 -31.46 -1.24
CA PHE B 71 13.37 -30.44 -2.20
C PHE B 71 14.18 -29.16 -2.08
N ASP B 72 14.44 -28.53 -3.23
CA ASP B 72 15.18 -27.26 -3.33
C ASP B 72 14.54 -26.42 -4.48
N HIS B 73 13.52 -25.61 -4.14
CA HIS B 73 12.84 -24.81 -5.14
C HIS B 73 12.49 -23.45 -4.56
N PRO B 74 12.63 -22.37 -5.36
CA PRO B 74 12.32 -21.02 -4.84
C PRO B 74 10.92 -20.77 -4.34
N HIS B 75 9.96 -21.65 -4.67
CA HIS B 75 8.56 -21.47 -4.25
C HIS B 75 8.02 -22.60 -3.37
N ILE B 76 8.91 -23.22 -2.61
CA ILE B 76 8.63 -24.23 -1.61
C ILE B 76 9.46 -23.83 -0.38
N VAL B 77 8.85 -23.82 0.83
CA VAL B 77 9.57 -23.47 2.05
C VAL B 77 10.75 -24.38 2.28
N LYS B 78 11.89 -23.78 2.54
CA LYS B 78 13.15 -24.48 2.73
C LYS B 78 13.37 -24.89 4.18
N LEU B 79 13.98 -26.06 4.37
CA LEU B 79 14.32 -26.55 5.68
C LEU B 79 15.66 -25.91 6.02
N ILE B 80 15.77 -25.38 7.24
CA ILE B 80 17.00 -24.79 7.74
C ILE B 80 17.78 -25.85 8.53
N GLY B 81 17.08 -26.58 9.39
CA GLY B 81 17.68 -27.65 10.17
C GLY B 81 16.79 -28.22 11.24
N VAL B 82 17.36 -29.07 12.13
CA VAL B 82 16.65 -29.69 13.26
C VAL B 82 17.45 -29.61 14.55
N ILE B 83 16.76 -29.64 15.70
CA ILE B 83 17.36 -29.68 17.04
C ILE B 83 16.81 -30.97 17.62
N THR B 84 17.62 -32.04 17.61
CA THR B 84 17.17 -33.36 18.05
C THR B 84 17.26 -33.60 19.58
N GLU B 85 17.72 -32.61 20.34
CA GLU B 85 17.72 -32.66 21.81
C GLU B 85 16.26 -32.41 22.26
N ASN B 86 15.89 -32.78 23.50
CA ASN B 86 14.52 -32.52 23.96
C ASN B 86 14.40 -31.08 24.52
N PRO B 87 13.39 -30.29 24.11
CA PRO B 87 12.31 -30.60 23.15
C PRO B 87 12.75 -30.48 21.70
N VAL B 88 12.36 -31.45 20.87
CA VAL B 88 12.75 -31.47 19.45
C VAL B 88 12.05 -30.38 18.64
N TRP B 89 12.84 -29.64 17.83
CA TRP B 89 12.36 -28.56 16.97
C TRP B 89 12.85 -28.75 15.53
N ILE B 90 12.05 -28.26 14.55
CA ILE B 90 12.39 -28.20 13.13
C ILE B 90 12.38 -26.70 12.70
N ILE B 91 13.53 -26.22 12.24
CA ILE B 91 13.68 -24.85 11.80
C ILE B 91 13.47 -24.72 10.28
N MET B 92 12.47 -23.96 9.88
CA MET B 92 12.16 -23.72 8.48
C MET B 92 12.38 -22.23 8.19
N GLU B 93 12.40 -21.85 6.89
CA GLU B 93 12.47 -20.43 6.52
C GLU B 93 11.09 -19.81 6.79
N LEU B 94 11.09 -18.53 7.22
CA LEU B 94 9.87 -17.77 7.51
C LEU B 94 9.37 -17.09 6.25
N CYS B 95 8.07 -17.18 6.05
CA CYS B 95 7.41 -16.49 4.97
C CYS B 95 6.81 -15.39 5.77
N THR B 96 7.52 -14.28 5.82
CA THR B 96 7.25 -13.12 6.67
C THR B 96 5.81 -12.64 6.65
N LEU B 97 5.19 -12.58 5.45
CA LEU B 97 3.86 -12.05 5.32
C LEU B 97 2.68 -13.03 5.61
N GLY B 98 2.95 -14.26 6.03
CA GLY B 98 1.91 -15.19 6.43
C GLY B 98 1.06 -15.89 5.41
N GLU B 99 -0.16 -16.29 5.82
CA GLU B 99 -1.13 -17.05 5.05
C GLU B 99 -1.73 -16.31 3.84
N LEU B 100 -1.81 -16.99 2.68
CA LEU B 100 -2.30 -16.36 1.44
C LEU B 100 -3.79 -15.95 1.47
N ARG B 101 -4.67 -16.74 2.10
CA ARG B 101 -6.09 -16.41 2.17
C ARG B 101 -6.30 -15.12 2.93
N SER B 102 -5.61 -14.97 4.04
CA SER B 102 -5.68 -13.77 4.89
C SER B 102 -5.19 -12.51 4.13
N PHE B 103 -3.97 -12.55 3.54
CA PHE B 103 -3.36 -11.46 2.74
C PHE B 103 -4.25 -11.08 1.55
N LEU B 104 -4.99 -12.05 0.94
CA LEU B 104 -5.87 -11.72 -0.20
C LEU B 104 -7.21 -11.16 0.30
N GLN B 105 -7.75 -11.69 1.41
CA GLN B 105 -9.02 -11.20 1.94
C GLN B 105 -8.90 -9.75 2.36
N VAL B 106 -7.77 -9.39 3.00
CA VAL B 106 -7.51 -8.02 3.44
C VAL B 106 -7.41 -7.05 2.26
N ARG B 107 -6.90 -7.51 1.10
CA ARG B 107 -6.73 -6.69 -0.11
C ARG B 107 -7.70 -7.03 -1.22
N LYS B 108 -8.94 -7.36 -0.86
CA LYS B 108 -10.01 -7.71 -1.76
C LYS B 108 -10.18 -6.70 -2.89
N TYR B 109 -9.92 -5.41 -2.61
CA TYR B 109 -10.08 -4.35 -3.62
C TYR B 109 -8.79 -3.57 -3.92
N SER B 110 -7.67 -3.96 -3.33
CA SER B 110 -6.40 -3.26 -3.52
C SER B 110 -5.22 -4.20 -3.81
N LEU B 111 -5.44 -5.14 -4.74
CA LEU B 111 -4.43 -6.06 -5.25
C LEU B 111 -4.76 -6.18 -6.72
N ASP B 112 -3.80 -5.86 -7.59
CA ASP B 112 -4.06 -5.90 -9.00
C ASP B 112 -4.04 -7.34 -9.57
N LEU B 113 -4.74 -7.53 -10.69
CA LEU B 113 -4.87 -8.82 -11.35
C LEU B 113 -3.53 -9.43 -11.75
N ALA B 114 -2.54 -8.61 -12.12
CA ALA B 114 -1.22 -9.10 -12.49
C ALA B 114 -0.57 -9.83 -11.30
N SER B 115 -0.84 -9.39 -10.06
CA SER B 115 -0.30 -10.03 -8.86
C SER B 115 -0.92 -11.40 -8.66
N LEU B 116 -2.26 -11.51 -8.85
CA LEU B 116 -3.00 -12.77 -8.69
C LEU B 116 -2.52 -13.82 -9.67
N ILE B 117 -2.28 -13.43 -10.93
CA ILE B 117 -1.77 -14.34 -11.94
C ILE B 117 -0.34 -14.75 -11.65
N LEU B 118 0.47 -13.85 -11.12
CA LEU B 118 1.86 -14.13 -10.74
C LEU B 118 1.92 -15.23 -9.67
N TYR B 119 1.02 -15.16 -8.68
CA TYR B 119 0.94 -16.16 -7.61
C TYR B 119 0.61 -17.53 -8.18
N ALA B 120 -0.37 -17.59 -9.14
CA ALA B 120 -0.78 -18.82 -9.79
C ALA B 120 0.38 -19.37 -10.61
N TYR B 121 1.12 -18.49 -11.32
CA TYR B 121 2.29 -18.90 -12.11
C TYR B 121 3.41 -19.46 -11.18
N GLN B 122 3.74 -18.77 -10.10
CA GLN B 122 4.79 -19.22 -9.18
C GLN B 122 4.49 -20.60 -8.60
N LEU B 123 3.20 -20.87 -8.30
CA LEU B 123 2.77 -22.18 -7.79
C LEU B 123 2.92 -23.28 -8.85
N SER B 124 2.59 -22.98 -10.13
CA SER B 124 2.77 -23.92 -11.22
C SER B 124 4.24 -24.34 -11.33
N THR B 125 5.17 -23.41 -11.14
CA THR B 125 6.60 -23.75 -11.19
C THR B 125 7.01 -24.70 -10.02
N ALA B 126 6.43 -24.52 -8.82
CA ALA B 126 6.71 -25.43 -7.70
C ALA B 126 6.15 -26.84 -7.97
N LEU B 127 4.93 -26.89 -8.53
CA LEU B 127 4.18 -28.11 -8.85
C LEU B 127 4.73 -28.86 -10.03
N ALA B 128 5.36 -28.15 -10.97
CA ALA B 128 6.06 -28.76 -12.11
C ALA B 128 7.37 -29.36 -11.62
N TYR B 129 8.05 -28.71 -10.64
CA TYR B 129 9.27 -29.22 -10.00
C TYR B 129 8.94 -30.51 -9.28
N LEU B 130 7.84 -30.50 -8.49
CA LEU B 130 7.34 -31.68 -7.81
C LEU B 130 7.00 -32.82 -8.79
N GLU B 131 6.38 -32.49 -9.95
CA GLU B 131 6.04 -33.43 -11.00
C GLU B 131 7.31 -34.05 -11.60
N SER B 132 8.38 -33.24 -11.78
CA SER B 132 9.68 -33.67 -12.27
C SER B 132 10.34 -34.72 -11.36
N LYS B 133 10.06 -34.62 -10.04
CA LYS B 133 10.53 -35.58 -9.03
C LYS B 133 9.50 -36.70 -8.77
N ARG B 134 8.43 -36.81 -9.59
CA ARG B 134 7.37 -37.77 -9.45
C ARG B 134 6.75 -37.78 -8.05
N PHE B 135 6.50 -36.60 -7.50
CA PHE B 135 5.94 -36.46 -6.16
C PHE B 135 4.51 -35.91 -6.24
N VAL B 136 3.55 -36.66 -5.70
CA VAL B 136 2.15 -36.24 -5.67
C VAL B 136 1.83 -35.62 -4.32
N HIS B 137 1.53 -34.32 -4.32
CA HIS B 137 1.26 -33.56 -3.10
C HIS B 137 0.05 -33.94 -2.25
N ARG B 138 -1.09 -34.14 -2.92
CA ARG B 138 -2.42 -34.54 -2.39
C ARG B 138 -3.20 -33.45 -1.66
N ASP B 139 -2.63 -32.26 -1.51
CA ASP B 139 -3.34 -31.19 -0.80
C ASP B 139 -3.09 -29.79 -1.35
N ILE B 140 -3.55 -29.52 -2.57
CA ILE B 140 -3.34 -28.21 -3.17
C ILE B 140 -4.52 -27.29 -2.93
N ALA B 141 -4.36 -26.41 -1.94
CA ALA B 141 -5.38 -25.45 -1.55
C ALA B 141 -4.68 -24.14 -1.13
N ALA B 142 -5.40 -22.98 -1.13
CA ALA B 142 -4.78 -21.70 -0.76
C ALA B 142 -4.35 -21.66 0.73
N ARG B 143 -4.98 -22.53 1.54
CA ARG B 143 -4.78 -22.85 2.94
C ARG B 143 -3.29 -23.20 3.20
N ASN B 144 -2.64 -23.87 2.21
CA ASN B 144 -1.25 -24.29 2.34
C ASN B 144 -0.27 -23.47 1.53
N VAL B 145 -0.61 -22.20 1.25
CA VAL B 145 0.26 -21.29 0.50
C VAL B 145 0.60 -20.12 1.45
N LEU B 146 1.89 -19.74 1.48
CA LEU B 146 2.36 -18.64 2.32
C LEU B 146 2.94 -17.49 1.47
N VAL B 147 3.10 -16.31 2.07
CA VAL B 147 3.56 -15.13 1.38
C VAL B 147 4.95 -14.65 1.96
N SER B 148 6.03 -14.72 1.15
CA SER B 148 7.37 -14.23 1.53
C SER B 148 7.50 -12.73 1.31
N SER B 149 6.87 -12.21 0.25
CA SER B 149 6.87 -10.81 -0.12
C SER B 149 5.64 -10.52 -1.00
N ASN B 150 5.37 -9.25 -1.33
CA ASN B 150 4.23 -8.89 -2.17
C ASN B 150 4.26 -9.58 -3.51
N ASP B 151 5.45 -9.95 -4.00
CA ASP B 151 5.57 -10.62 -5.29
C ASP B 151 6.21 -12.02 -5.17
N CYS B 152 5.91 -12.72 -4.08
CA CYS B 152 6.44 -14.06 -3.87
C CYS B 152 5.61 -14.90 -2.89
N VAL B 153 5.07 -16.02 -3.39
CA VAL B 153 4.29 -17.00 -2.64
C VAL B 153 5.03 -18.33 -2.67
N LYS B 154 4.82 -19.16 -1.65
CA LYS B 154 5.44 -20.48 -1.60
C LYS B 154 4.47 -21.55 -1.08
N LEU B 155 4.71 -22.81 -1.46
CA LEU B 155 3.99 -23.93 -0.89
C LEU B 155 4.50 -24.07 0.56
N GLY B 156 3.57 -24.17 1.49
CA GLY B 156 3.92 -24.31 2.90
C GLY B 156 4.41 -25.71 3.22
N ASP B 157 4.89 -25.91 4.47
CA ASP B 157 5.42 -27.17 5.00
C ASP B 157 4.46 -28.31 4.78
N PHE B 158 4.99 -29.42 4.26
CA PHE B 158 4.24 -30.62 3.92
C PHE B 158 3.70 -31.35 5.14
N GLY B 159 4.44 -31.31 6.25
CA GLY B 159 4.03 -31.90 7.52
C GLY B 159 2.86 -31.13 8.12
N LEU B 160 2.95 -29.77 8.18
CA LEU B 160 1.87 -28.87 8.67
C LEU B 160 0.65 -28.81 7.71
N SER B 161 0.81 -29.34 6.48
CA SER B 161 -0.25 -29.47 5.49
C SER B 161 -1.05 -30.70 5.89
N ARG B 162 -2.29 -30.46 6.31
CA ARG B 162 -3.29 -31.39 6.86
C ARG B 162 -3.49 -32.74 6.16
N TYR B 163 -3.73 -32.78 4.83
CA TYR B 163 -4.17 -34.00 4.15
C TYR B 163 -3.17 -34.64 3.15
N MET B 164 -1.87 -34.36 3.30
CA MET B 164 -0.85 -35.00 2.45
C MET B 164 -0.52 -36.39 3.03
N LEU B 177 -11.22 -35.18 5.01
CA LEU B 177 -10.78 -35.07 3.61
C LEU B 177 -11.17 -33.74 2.96
N PRO B 178 -10.30 -33.15 2.09
CA PRO B 178 -10.67 -31.88 1.43
C PRO B 178 -11.47 -32.11 0.13
N ILE B 179 -12.68 -32.71 0.23
CA ILE B 179 -13.58 -33.08 -0.87
C ILE B 179 -13.83 -31.98 -1.92
N LYS B 180 -14.00 -30.72 -1.50
CA LYS B 180 -14.27 -29.60 -2.43
C LYS B 180 -13.09 -29.18 -3.31
N TRP B 181 -11.93 -29.82 -3.12
CA TRP B 181 -10.70 -29.57 -3.86
C TRP B 181 -10.28 -30.81 -4.70
N MET B 182 -10.81 -32.01 -4.36
CA MET B 182 -10.44 -33.29 -4.94
C MET B 182 -11.06 -33.67 -6.26
N ALA B 183 -10.24 -34.34 -7.08
CA ALA B 183 -10.58 -34.88 -8.39
C ALA B 183 -11.55 -36.02 -8.17
N PRO B 184 -12.48 -36.26 -9.11
CA PRO B 184 -13.45 -37.35 -8.92
C PRO B 184 -12.83 -38.73 -8.67
N GLU B 185 -11.68 -39.07 -9.28
CA GLU B 185 -11.04 -40.38 -9.02
C GLU B 185 -10.45 -40.50 -7.60
N SER B 186 -10.18 -39.37 -6.95
CA SER B 186 -9.67 -39.33 -5.56
C SER B 186 -10.83 -39.50 -4.57
N ILE B 187 -12.03 -38.99 -4.92
CA ILE B 187 -13.22 -39.10 -4.08
C ILE B 187 -13.82 -40.50 -4.26
N ASN B 188 -13.93 -40.96 -5.50
CA ASN B 188 -14.54 -42.26 -5.80
C ASN B 188 -13.65 -43.47 -5.50
N PHE B 189 -12.33 -43.39 -5.79
CA PHE B 189 -11.46 -44.56 -5.63
C PHE B 189 -10.20 -44.33 -4.83
N ARG B 190 -10.03 -43.16 -4.23
CA ARG B 190 -8.83 -42.81 -3.46
C ARG B 190 -7.57 -42.94 -4.33
N ARG B 191 -7.68 -42.52 -5.59
CA ARG B 191 -6.60 -42.55 -6.57
C ARG B 191 -5.92 -41.19 -6.57
N PHE B 192 -4.62 -41.16 -6.23
CA PHE B 192 -3.87 -39.91 -6.18
C PHE B 192 -2.68 -39.96 -7.12
N THR B 193 -2.80 -39.22 -8.23
CA THR B 193 -1.80 -39.11 -9.30
C THR B 193 -1.44 -37.62 -9.54
N SER B 194 -0.46 -37.35 -10.40
CA SER B 194 -0.13 -35.99 -10.83
C SER B 194 -1.34 -35.32 -11.50
N ALA B 195 -2.20 -36.11 -12.20
CA ALA B 195 -3.42 -35.63 -12.85
C ALA B 195 -4.45 -35.18 -11.83
N SER B 196 -4.52 -35.84 -10.66
CA SER B 196 -5.44 -35.43 -9.60
C SER B 196 -4.95 -34.14 -8.90
N ASP B 197 -3.61 -33.91 -8.87
CA ASP B 197 -3.00 -32.70 -8.34
C ASP B 197 -3.33 -31.50 -9.26
N VAL B 198 -3.43 -31.73 -10.59
CA VAL B 198 -3.81 -30.72 -11.58
C VAL B 198 -5.25 -30.21 -11.34
N TRP B 199 -6.16 -31.14 -10.97
CA TRP B 199 -7.54 -30.77 -10.62
C TRP B 199 -7.53 -29.80 -9.44
N MET B 200 -6.78 -30.17 -8.34
CA MET B 200 -6.62 -29.42 -7.11
C MET B 200 -6.01 -28.04 -7.38
N PHE B 201 -5.00 -27.96 -8.27
CA PHE B 201 -4.36 -26.69 -8.63
C PHE B 201 -5.32 -25.75 -9.28
N GLY B 202 -6.23 -26.27 -10.10
CA GLY B 202 -7.26 -25.48 -10.76
C GLY B 202 -8.19 -24.85 -9.74
N VAL B 203 -8.54 -25.59 -8.69
CA VAL B 203 -9.37 -25.08 -7.58
C VAL B 203 -8.62 -24.02 -6.79
N CYS B 204 -7.31 -24.21 -6.58
CA CYS B 204 -6.45 -23.28 -5.88
C CYS B 204 -6.37 -21.96 -6.65
N MET B 205 -6.24 -22.02 -7.99
CA MET B 205 -6.23 -20.81 -8.84
C MET B 205 -7.55 -20.06 -8.71
N TRP B 206 -8.67 -20.78 -8.61
CA TRP B 206 -9.99 -20.19 -8.47
C TRP B 206 -10.05 -19.40 -7.17
N GLU B 207 -9.51 -19.97 -6.07
CA GLU B 207 -9.48 -19.34 -4.73
C GLU B 207 -8.67 -18.05 -4.74
N ILE B 208 -7.54 -18.04 -5.46
CA ILE B 208 -6.64 -16.87 -5.58
C ILE B 208 -7.35 -15.75 -6.32
N LEU B 209 -8.01 -16.07 -7.42
CA LEU B 209 -8.78 -15.15 -8.25
C LEU B 209 -10.05 -14.66 -7.55
N MET B 210 -10.57 -15.43 -6.61
CA MET B 210 -11.73 -15.07 -5.81
C MET B 210 -11.35 -14.30 -4.53
N HIS B 211 -10.04 -14.01 -4.31
CA HIS B 211 -9.50 -13.29 -3.17
C HIS B 211 -9.70 -13.99 -1.81
N GLY B 212 -9.38 -15.27 -1.73
CA GLY B 212 -9.47 -16.02 -0.48
C GLY B 212 -10.82 -16.60 -0.13
N VAL B 213 -11.73 -16.75 -1.11
CA VAL B 213 -13.04 -17.34 -0.86
C VAL B 213 -12.94 -18.87 -1.09
N LYS B 214 -13.52 -19.66 -0.17
CA LYS B 214 -13.51 -21.11 -0.26
C LYS B 214 -14.48 -21.61 -1.31
N PRO B 215 -14.11 -22.66 -2.07
CA PRO B 215 -15.02 -23.18 -3.10
C PRO B 215 -16.21 -23.90 -2.50
N PHE B 216 -17.36 -23.85 -3.20
CA PHE B 216 -18.60 -24.53 -2.83
C PHE B 216 -19.10 -24.21 -1.40
N GLN B 217 -19.16 -22.93 -1.02
CA GLN B 217 -19.67 -22.59 0.31
C GLN B 217 -21.18 -22.78 0.36
N GLY B 218 -21.67 -23.32 1.47
CA GLY B 218 -23.09 -23.63 1.64
C GLY B 218 -23.56 -24.89 0.94
N VAL B 219 -22.60 -25.72 0.46
CA VAL B 219 -22.83 -27.00 -0.22
C VAL B 219 -22.24 -28.12 0.65
N LYS B 220 -22.98 -29.21 0.87
CA LYS B 220 -22.51 -30.30 1.70
C LYS B 220 -21.56 -31.19 0.90
N ASN B 221 -20.48 -31.67 1.54
CA ASN B 221 -19.47 -32.53 0.91
C ASN B 221 -20.04 -33.68 0.07
N ASN B 222 -21.15 -34.31 0.52
CA ASN B 222 -21.77 -35.43 -0.20
C ASN B 222 -22.49 -34.99 -1.47
N ASP B 223 -23.01 -33.75 -1.47
CA ASP B 223 -23.68 -33.17 -2.65
C ASP B 223 -22.66 -32.76 -3.71
N VAL B 224 -21.39 -32.52 -3.33
CA VAL B 224 -20.31 -32.07 -4.20
C VAL B 224 -20.06 -33.06 -5.37
N ILE B 225 -19.86 -34.36 -5.11
CA ILE B 225 -19.58 -35.32 -6.20
C ILE B 225 -20.78 -35.47 -7.16
N GLY B 226 -21.99 -35.31 -6.66
CA GLY B 226 -23.19 -35.38 -7.48
C GLY B 226 -23.26 -34.25 -8.49
N ARG B 227 -22.85 -33.05 -8.08
CA ARG B 227 -22.83 -31.87 -8.94
C ARG B 227 -21.72 -31.98 -9.99
N ILE B 228 -20.53 -32.45 -9.57
CA ILE B 228 -19.38 -32.61 -10.46
C ILE B 228 -19.64 -33.66 -11.54
N GLU B 229 -20.21 -34.82 -11.16
CA GLU B 229 -20.53 -35.85 -12.14
C GLU B 229 -21.60 -35.41 -13.12
N ASN B 230 -22.47 -34.47 -12.71
CA ASN B 230 -23.52 -33.87 -13.56
C ASN B 230 -22.96 -32.76 -14.51
N GLY B 231 -21.67 -32.45 -14.40
CA GLY B 231 -21.01 -31.46 -15.25
C GLY B 231 -20.89 -30.07 -14.68
N GLU B 232 -21.35 -29.88 -13.42
CA GLU B 232 -21.31 -28.58 -12.77
C GLU B 232 -19.86 -28.23 -12.36
N ARG B 233 -19.42 -27.00 -12.67
CA ARG B 233 -18.08 -26.55 -12.34
C ARG B 233 -18.12 -25.22 -11.55
N LEU B 234 -17.01 -24.85 -10.83
CA LEU B 234 -16.93 -23.56 -10.13
C LEU B 234 -17.10 -22.41 -11.16
N PRO B 235 -17.86 -21.35 -10.83
CA PRO B 235 -18.10 -20.28 -11.81
C PRO B 235 -16.91 -19.39 -12.13
N MET B 236 -16.96 -18.61 -13.24
CA MET B 236 -15.87 -17.70 -13.56
C MET B 236 -15.80 -16.57 -12.53
N PRO B 237 -14.67 -16.43 -11.83
CA PRO B 237 -14.56 -15.35 -10.84
C PRO B 237 -14.62 -13.95 -11.45
N PRO B 238 -15.21 -12.97 -10.75
CA PRO B 238 -15.20 -11.58 -11.23
C PRO B 238 -13.81 -11.06 -11.64
N ASN B 239 -13.73 -10.38 -12.80
CA ASN B 239 -12.50 -9.83 -13.36
C ASN B 239 -11.51 -10.89 -13.88
N CYS B 240 -11.82 -12.19 -13.76
CA CYS B 240 -10.91 -13.24 -14.20
C CYS B 240 -10.86 -13.22 -15.73
N PRO B 241 -9.63 -13.15 -16.33
CA PRO B 241 -9.54 -13.21 -17.80
C PRO B 241 -10.18 -14.48 -18.34
N PRO B 242 -10.96 -14.39 -19.42
CA PRO B 242 -11.62 -15.59 -19.96
C PRO B 242 -10.64 -16.72 -20.31
N THR B 243 -9.44 -16.36 -20.75
CA THR B 243 -8.38 -17.32 -21.10
C THR B 243 -7.90 -18.08 -19.85
N LEU B 244 -7.88 -17.41 -18.69
CA LEU B 244 -7.51 -18.02 -17.43
C LEU B 244 -8.61 -18.94 -16.95
N TYR B 245 -9.89 -18.57 -17.13
CA TYR B 245 -10.99 -19.41 -16.70
C TYR B 245 -11.10 -20.68 -17.59
N SER B 246 -10.75 -20.57 -18.87
CA SER B 246 -10.72 -21.72 -19.78
C SER B 246 -9.58 -22.70 -19.31
N LEU B 247 -8.46 -22.17 -18.79
CA LEU B 247 -7.37 -23.00 -18.27
C LEU B 247 -7.86 -23.80 -17.07
N MET B 248 -8.65 -23.15 -16.20
CA MET B 248 -9.26 -23.75 -15.04
C MET B 248 -10.15 -24.91 -15.44
N THR B 249 -10.96 -24.72 -16.48
CA THR B 249 -11.89 -25.76 -16.91
C THR B 249 -11.16 -26.96 -17.56
N LYS B 250 -9.97 -26.77 -18.17
CA LYS B 250 -9.17 -27.89 -18.68
C LYS B 250 -8.60 -28.74 -17.51
N CYS B 251 -8.31 -28.08 -16.36
CA CYS B 251 -7.84 -28.75 -15.14
C CYS B 251 -8.94 -29.66 -14.54
N TRP B 252 -10.22 -29.34 -14.83
CA TRP B 252 -11.40 -30.00 -14.29
C TRP B 252 -12.06 -30.92 -15.30
N ALA B 253 -11.28 -31.48 -16.25
CA ALA B 253 -11.77 -32.47 -17.23
C ALA B 253 -12.00 -33.72 -16.42
N TYR B 254 -13.19 -34.34 -16.53
CA TYR B 254 -13.51 -35.56 -15.77
C TYR B 254 -12.44 -36.67 -15.96
N ASP B 255 -12.05 -36.90 -17.22
CA ASP B 255 -11.04 -37.86 -17.61
C ASP B 255 -9.69 -37.25 -17.28
N PRO B 256 -8.94 -37.84 -16.35
CA PRO B 256 -7.63 -37.30 -15.99
C PRO B 256 -6.61 -37.23 -17.12
N SER B 257 -6.73 -38.13 -18.10
CA SER B 257 -5.83 -38.15 -19.26
C SER B 257 -6.07 -36.94 -20.22
N ARG B 258 -7.17 -36.24 -20.04
CA ARG B 258 -7.56 -35.09 -20.81
C ARG B 258 -7.05 -33.76 -20.16
N ARG B 259 -6.56 -33.80 -18.87
CA ARG B 259 -6.06 -32.63 -18.14
C ARG B 259 -4.63 -32.28 -18.55
N PRO B 260 -4.27 -30.98 -18.57
CA PRO B 260 -2.89 -30.63 -18.93
C PRO B 260 -1.87 -30.96 -17.85
N ARG B 261 -0.60 -30.99 -18.23
CA ARG B 261 0.49 -31.22 -17.30
C ARG B 261 1.00 -29.86 -16.79
N PHE B 262 1.77 -29.89 -15.69
CA PHE B 262 2.25 -28.66 -15.08
C PHE B 262 3.21 -27.86 -15.96
N THR B 263 3.90 -28.51 -16.89
CA THR B 263 4.80 -27.81 -17.79
C THR B 263 3.98 -26.90 -18.73
N GLU B 264 2.84 -27.42 -19.20
CA GLU B 264 1.95 -26.67 -20.08
C GLU B 264 1.20 -25.60 -19.29
N LEU B 265 0.80 -25.92 -18.08
CA LEU B 265 0.12 -24.98 -17.20
C LEU B 265 1.04 -23.79 -16.96
N LYS B 266 2.34 -24.04 -16.70
CA LYS B 266 3.35 -23.01 -16.45
C LYS B 266 3.53 -22.06 -17.66
N ALA B 267 3.69 -22.64 -18.85
CA ALA B 267 3.82 -21.92 -20.12
C ALA B 267 2.60 -21.08 -20.47
N GLN B 268 1.39 -21.62 -20.25
CA GLN B 268 0.15 -20.92 -20.52
C GLN B 268 -0.13 -19.82 -19.47
N LEU B 269 0.29 -20.04 -18.22
CA LEU B 269 0.18 -19.02 -17.17
C LEU B 269 1.13 -17.85 -17.43
N SER B 270 2.28 -18.12 -18.05
CA SER B 270 3.26 -17.11 -18.43
C SER B 270 2.70 -16.22 -19.53
N THR B 271 1.96 -16.81 -20.50
CA THR B 271 1.34 -16.06 -21.60
C THR B 271 0.21 -15.17 -21.07
N ILE B 272 -0.70 -15.73 -20.27
CA ILE B 272 -1.79 -14.97 -19.65
C ILE B 272 -1.25 -13.81 -18.78
N LEU B 273 -0.09 -14.02 -18.11
CA LEU B 273 0.53 -13.00 -17.26
C LEU B 273 1.08 -11.85 -18.09
N GLU B 274 1.85 -12.13 -19.15
CA GLU B 274 2.40 -11.07 -20.00
C GLU B 274 1.30 -10.30 -20.77
N GLU B 275 0.18 -10.95 -21.11
CA GLU B 275 -0.93 -10.26 -21.77
C GLU B 275 -1.61 -9.26 -20.80
N GLU B 276 -1.61 -9.57 -19.51
CA GLU B 276 -2.20 -8.70 -18.50
C GLU B 276 -1.26 -7.52 -18.21
N LYS B 277 0.06 -7.78 -18.18
CA LYS B 277 1.07 -6.74 -17.97
C LYS B 277 1.08 -5.71 -19.09
N ALA B 278 0.77 -6.13 -20.32
CA ALA B 278 0.68 -5.22 -21.45
C ALA B 278 -0.77 -4.67 -21.61
N GLN B 279 -1.43 -4.44 -20.45
CA GLN B 279 -2.77 -3.94 -20.19
C GLN B 279 -3.77 -4.26 -21.27
N ASP C 7 -39.01 13.02 -2.24
CA ASP C 7 -38.34 14.27 -1.90
C ASP C 7 -36.90 14.35 -2.47
N TYR C 8 -35.88 13.64 -1.85
CA TYR C 8 -34.46 13.58 -2.31
C TYR C 8 -34.21 12.38 -3.24
N GLU C 9 -35.12 12.19 -4.15
CA GLU C 9 -35.16 11.15 -5.14
C GLU C 9 -34.27 11.49 -6.35
N ILE C 10 -33.49 10.50 -6.81
CA ILE C 10 -32.57 10.58 -7.95
C ILE C 10 -33.13 9.78 -9.16
N GLN C 11 -32.92 10.25 -10.40
CA GLN C 11 -33.32 9.52 -11.61
C GLN C 11 -32.17 8.60 -12.02
N ARG C 12 -32.45 7.31 -12.31
CA ARG C 12 -31.40 6.32 -12.62
C ARG C 12 -30.55 6.64 -13.83
N GLU C 13 -31.12 7.36 -14.80
CA GLU C 13 -30.37 7.75 -15.99
C GLU C 13 -29.30 8.82 -15.69
N ARG C 14 -29.32 9.41 -14.47
CA ARG C 14 -28.28 10.35 -14.02
C ARG C 14 -27.10 9.63 -13.28
N ILE C 15 -27.16 8.30 -13.14
CA ILE C 15 -26.16 7.46 -12.50
C ILE C 15 -25.49 6.57 -13.54
N GLU C 16 -24.17 6.52 -13.52
CA GLU C 16 -23.41 5.62 -14.38
C GLU C 16 -22.79 4.63 -13.41
N LEU C 17 -23.11 3.34 -13.56
CA LEU C 17 -22.62 2.31 -12.66
C LEU C 17 -21.21 1.83 -13.01
N GLY C 18 -20.39 1.69 -11.99
CA GLY C 18 -19.02 1.24 -12.14
C GLY C 18 -18.72 -0.05 -11.41
N ARG C 19 -17.46 -0.25 -11.01
CA ARG C 19 -17.00 -1.48 -10.38
C ARG C 19 -17.59 -1.78 -9.00
N CYS C 20 -17.63 -3.07 -8.62
CA CYS C 20 -18.10 -3.46 -7.30
C CYS C 20 -16.99 -3.14 -6.30
N ILE C 21 -17.33 -2.39 -5.24
CA ILE C 21 -16.38 -2.01 -4.20
C ILE C 21 -16.74 -2.62 -2.84
N GLY C 22 -17.56 -3.67 -2.81
CA GLY C 22 -17.94 -4.32 -1.57
C GLY C 22 -19.25 -5.03 -1.62
N GLU C 23 -19.54 -5.79 -0.57
CA GLU C 23 -20.79 -6.56 -0.44
C GLU C 23 -21.54 -6.22 0.84
N GLY C 24 -22.82 -5.90 0.70
CA GLY C 24 -23.67 -5.56 1.85
C GLY C 24 -24.75 -6.59 2.14
N GLN C 25 -25.45 -6.40 3.23
CA GLN C 25 -26.51 -7.29 3.68
C GLN C 25 -27.62 -7.44 2.68
N PHE C 26 -28.00 -6.37 1.93
CA PHE C 26 -29.10 -6.39 0.95
C PHE C 26 -28.65 -6.60 -0.51
N GLY C 27 -27.37 -6.33 -0.79
CA GLY C 27 -26.82 -6.47 -2.13
C GLY C 27 -25.43 -5.87 -2.28
N ASP C 28 -24.87 -5.92 -3.49
CA ASP C 28 -23.55 -5.39 -3.79
C ASP C 28 -23.50 -3.86 -3.72
N VAL C 29 -22.32 -3.34 -3.41
CA VAL C 29 -22.06 -1.92 -3.36
C VAL C 29 -21.12 -1.61 -4.53
N HIS C 30 -21.46 -0.60 -5.31
CA HIS C 30 -20.70 -0.23 -6.50
C HIS C 30 -20.17 1.19 -6.42
N GLN C 31 -19.10 1.47 -7.17
CA GLN C 31 -18.59 2.82 -7.37
C GLN C 31 -19.38 3.34 -8.59
N GLY C 32 -19.45 4.66 -8.77
CA GLY C 32 -20.16 5.25 -9.90
C GLY C 32 -20.00 6.74 -10.03
N ILE C 33 -20.77 7.33 -10.98
CA ILE C 33 -20.79 8.77 -11.24
C ILE C 33 -22.23 9.28 -11.17
N TYR C 34 -22.46 10.42 -10.51
CA TYR C 34 -23.77 11.02 -10.43
C TYR C 34 -23.67 12.33 -11.19
N MET C 35 -24.30 12.40 -12.37
CA MET C 35 -24.32 13.62 -13.19
C MET C 35 -25.34 14.52 -12.58
N SER C 36 -24.94 15.28 -11.57
CA SER C 36 -25.78 16.20 -10.82
C SER C 36 -26.48 17.17 -11.76
N PRO C 37 -27.74 17.53 -11.44
CA PRO C 37 -28.52 18.37 -12.36
C PRO C 37 -27.76 19.51 -13.06
N GLU C 38 -27.31 20.54 -12.33
CA GLU C 38 -26.57 21.67 -12.96
C GLU C 38 -25.26 21.91 -12.21
N ASN C 39 -24.61 20.81 -11.82
CA ASN C 39 -23.39 20.83 -11.04
C ASN C 39 -22.35 19.87 -11.66
N PRO C 40 -21.07 19.86 -11.19
CA PRO C 40 -20.10 18.89 -11.75
C PRO C 40 -20.40 17.46 -11.30
N ALA C 41 -20.04 16.47 -12.13
CA ALA C 41 -20.30 15.07 -11.83
C ALA C 41 -19.56 14.59 -10.55
N LEU C 42 -20.28 13.87 -9.68
CA LEU C 42 -19.73 13.40 -8.43
C LEU C 42 -19.37 11.93 -8.47
N ALA C 43 -18.32 11.56 -7.73
CA ALA C 43 -17.96 10.17 -7.57
C ALA C 43 -18.85 9.69 -6.40
N VAL C 44 -19.60 8.59 -6.59
CA VAL C 44 -20.55 8.11 -5.59
C VAL C 44 -20.37 6.62 -5.27
N ALA C 45 -20.98 6.14 -4.19
CA ALA C 45 -21.01 4.74 -3.83
C ALA C 45 -22.51 4.37 -3.90
N ILE C 46 -22.84 3.29 -4.62
CA ILE C 46 -24.20 2.85 -4.80
C ILE C 46 -24.51 1.58 -4.02
N LYS C 47 -25.44 1.67 -3.07
CA LYS C 47 -25.89 0.49 -2.33
C LYS C 47 -27.04 -0.10 -3.13
N THR C 48 -26.89 -1.30 -3.67
CA THR C 48 -27.94 -1.94 -4.44
C THR C 48 -28.71 -2.97 -3.60
N CYS C 49 -29.91 -3.39 -4.05
CA CYS C 49 -30.74 -4.35 -3.31
C CYS C 49 -31.24 -5.46 -4.23
N LYS C 50 -30.94 -6.73 -3.87
CA LYS C 50 -31.28 -7.92 -4.65
C LYS C 50 -32.72 -8.43 -4.49
N ASN C 51 -33.34 -8.25 -3.31
CA ASN C 51 -34.72 -8.72 -3.10
C ASN C 51 -35.66 -7.57 -2.71
N CYS C 52 -35.31 -6.31 -3.07
CA CYS C 52 -36.16 -5.17 -2.74
C CYS C 52 -37.47 -5.11 -3.55
N THR C 53 -37.81 -6.20 -4.23
CA THR C 53 -39.03 -6.32 -4.97
C THR C 53 -40.23 -6.54 -3.99
N SER C 54 -39.95 -7.08 -2.77
CA SER C 54 -40.93 -7.27 -1.70
C SER C 54 -40.86 -6.06 -0.78
N ASP C 55 -42.02 -5.56 -0.31
CA ASP C 55 -42.11 -4.37 0.53
C ASP C 55 -41.47 -4.51 1.92
N SER C 56 -41.14 -5.72 2.38
CA SER C 56 -40.52 -5.90 3.70
C SER C 56 -39.02 -5.56 3.65
N VAL C 57 -38.35 -6.04 2.60
CA VAL C 57 -36.92 -5.81 2.37
C VAL C 57 -36.70 -4.35 1.94
N ARG C 58 -37.60 -3.83 1.09
CA ARG C 58 -37.60 -2.46 0.56
C ARG C 58 -37.72 -1.41 1.69
N GLU C 59 -38.48 -1.76 2.74
CA GLU C 59 -38.72 -0.91 3.93
C GLU C 59 -37.44 -0.82 4.78
N LYS C 60 -36.83 -1.98 5.09
CA LYS C 60 -35.63 -2.04 5.92
C LYS C 60 -34.43 -1.37 5.26
N PHE C 61 -34.33 -1.49 3.93
CA PHE C 61 -33.24 -0.91 3.16
C PHE C 61 -33.29 0.61 3.14
N LEU C 62 -34.45 1.20 2.87
CA LEU C 62 -34.58 2.65 2.79
C LEU C 62 -34.48 3.38 4.15
N GLN C 63 -34.65 2.67 5.27
CA GLN C 63 -34.45 3.28 6.59
C GLN C 63 -32.93 3.50 6.90
N GLU C 64 -32.05 2.72 6.24
CA GLU C 64 -30.60 2.88 6.37
C GLU C 64 -30.15 4.23 5.80
N ALA C 65 -30.85 4.72 4.75
CA ALA C 65 -30.61 6.02 4.12
C ALA C 65 -31.12 7.15 5.03
N LEU C 66 -32.26 6.94 5.68
CA LEU C 66 -32.85 7.87 6.62
C LEU C 66 -31.98 8.02 7.85
N THR C 67 -31.26 6.95 8.25
CA THR C 67 -30.34 6.94 9.38
C THR C 67 -29.14 7.86 9.10
N MET C 68 -28.59 7.79 7.89
CA MET C 68 -27.47 8.65 7.51
C MET C 68 -27.88 10.10 7.24
N ARG C 69 -29.15 10.30 6.90
CA ARG C 69 -29.70 11.60 6.61
C ARG C 69 -29.73 12.52 7.86
N GLN C 70 -29.85 11.92 9.06
CA GLN C 70 -29.90 12.70 10.29
C GLN C 70 -28.51 13.21 10.76
N PHE C 71 -27.43 12.78 10.12
CA PHE C 71 -26.08 13.22 10.46
C PHE C 71 -25.47 14.12 9.38
N ASP C 72 -24.71 15.13 9.80
CA ASP C 72 -24.04 16.07 8.92
C ASP C 72 -22.67 16.42 9.53
N HIS C 73 -21.66 15.63 9.21
CA HIS C 73 -20.31 15.83 9.74
C HIS C 73 -19.28 15.52 8.67
N PRO C 74 -18.19 16.31 8.60
CA PRO C 74 -17.16 16.09 7.57
C PRO C 74 -16.45 14.75 7.60
N HIS C 75 -16.56 13.98 8.68
CA HIS C 75 -15.87 12.69 8.78
C HIS C 75 -16.83 11.52 8.97
N ILE C 76 -18.03 11.65 8.42
CA ILE C 76 -19.08 10.63 8.36
C ILE C 76 -19.58 10.66 6.91
N VAL C 77 -19.71 9.50 6.26
CA VAL C 77 -20.20 9.46 4.87
C VAL C 77 -21.59 10.07 4.74
N LYS C 78 -21.76 10.94 3.73
CA LYS C 78 -23.01 11.64 3.43
C LYS C 78 -23.89 10.80 2.52
N LEU C 79 -25.20 11.00 2.68
CA LEU C 79 -26.22 10.46 1.82
C LEU C 79 -26.41 11.48 0.69
N ILE C 80 -26.44 11.03 -0.55
CA ILE C 80 -26.64 11.89 -1.68
C ILE C 80 -28.12 11.80 -2.21
N GLY C 81 -28.73 10.61 -2.10
CA GLY C 81 -30.12 10.40 -2.47
C GLY C 81 -30.51 8.94 -2.59
N VAL C 82 -31.74 8.66 -3.06
CA VAL C 82 -32.26 7.30 -3.25
C VAL C 82 -33.00 7.18 -4.60
N ILE C 83 -33.11 5.96 -5.13
CA ILE C 83 -33.87 5.63 -6.33
C ILE C 83 -34.85 4.58 -5.84
N THR C 84 -36.09 4.98 -5.57
CA THR C 84 -37.11 4.09 -4.99
C THR C 84 -37.87 3.23 -6.02
N GLU C 85 -37.50 3.35 -7.29
CA GLU C 85 -38.07 2.50 -8.32
C GLU C 85 -37.25 1.20 -8.33
N ASN C 86 -37.78 0.14 -8.93
CA ASN C 86 -37.04 -1.12 -8.91
C ASN C 86 -36.00 -1.26 -10.05
N PRO C 87 -34.74 -1.64 -9.74
CA PRO C 87 -34.20 -2.01 -8.42
C PRO C 87 -33.84 -0.81 -7.56
N VAL C 88 -34.18 -0.87 -6.27
CA VAL C 88 -33.93 0.22 -5.35
C VAL C 88 -32.42 0.37 -5.02
N TRP C 89 -31.93 1.63 -5.09
CA TRP C 89 -30.56 2.00 -4.81
C TRP C 89 -30.48 3.18 -3.85
N ILE C 90 -29.39 3.24 -3.06
CA ILE C 90 -29.07 4.35 -2.16
C ILE C 90 -27.71 4.92 -2.59
N ILE C 91 -27.70 6.18 -2.99
CA ILE C 91 -26.50 6.87 -3.45
C ILE C 91 -25.82 7.60 -2.26
N MET C 92 -24.61 7.17 -1.90
CA MET C 92 -23.78 7.70 -0.81
C MET C 92 -22.53 8.37 -1.38
N GLU C 93 -21.77 9.12 -0.55
CA GLU C 93 -20.54 9.75 -1.05
C GLU C 93 -19.43 8.70 -1.19
N LEU C 94 -18.56 8.86 -2.19
CA LEU C 94 -17.47 7.90 -2.36
C LEU C 94 -16.25 8.27 -1.55
N CYS C 95 -15.72 7.32 -0.78
CA CYS C 95 -14.43 7.50 -0.15
C CYS C 95 -13.51 6.78 -1.18
N THR C 96 -12.96 7.57 -2.13
CA THR C 96 -12.23 7.11 -3.30
C THR C 96 -11.17 6.08 -2.99
N LEU C 97 -10.40 6.31 -1.94
CA LEU C 97 -9.29 5.43 -1.61
C LEU C 97 -9.65 4.11 -0.86
N GLY C 98 -10.92 3.83 -0.66
CA GLY C 98 -11.34 2.57 -0.04
C GLY C 98 -11.30 2.36 1.46
N GLU C 99 -11.18 1.08 1.87
CA GLU C 99 -11.13 0.58 3.25
C GLU C 99 -9.83 0.96 3.94
N LEU C 100 -9.92 1.39 5.21
CA LEU C 100 -8.74 1.82 5.98
C LEU C 100 -7.70 0.72 6.25
N ARG C 101 -8.11 -0.50 6.65
CA ARG C 101 -7.13 -1.56 6.95
C ARG C 101 -6.31 -1.91 5.72
N SER C 102 -6.96 -2.02 4.59
CA SER C 102 -6.34 -2.31 3.32
C SER C 102 -5.35 -1.21 2.93
N PHE C 103 -5.74 0.06 3.09
CA PHE C 103 -4.93 1.25 2.80
C PHE C 103 -3.67 1.30 3.70
N LEU C 104 -3.84 1.07 4.99
CA LEU C 104 -2.73 1.07 5.93
C LEU C 104 -1.77 -0.09 5.66
N GLN C 105 -2.28 -1.25 5.25
CA GLN C 105 -1.42 -2.41 4.98
C GLN C 105 -0.60 -2.22 3.69
N VAL C 106 -1.22 -1.75 2.61
CA VAL C 106 -0.56 -1.49 1.33
C VAL C 106 0.46 -0.35 1.45
N ARG C 107 0.03 0.74 2.06
CA ARG C 107 0.88 1.92 2.24
C ARG C 107 1.94 1.69 3.30
N LYS C 108 1.51 1.28 4.49
CA LYS C 108 2.45 0.99 5.57
C LYS C 108 3.38 2.14 5.92
N TYR C 109 4.69 1.88 5.81
CA TYR C 109 5.76 2.83 6.14
C TYR C 109 5.84 4.11 5.30
N SER C 110 5.21 4.11 4.12
CA SER C 110 5.15 5.28 3.26
C SER C 110 4.39 6.42 3.97
N LEU C 111 3.34 6.07 4.70
CA LEU C 111 2.58 7.02 5.50
C LEU C 111 3.33 7.28 6.80
N ASP C 112 3.65 8.55 7.03
CA ASP C 112 4.35 9.04 8.19
C ASP C 112 3.44 9.06 9.44
N LEU C 113 4.05 9.14 10.64
CA LEU C 113 3.34 9.14 11.91
C LEU C 113 2.31 10.28 12.05
N ALA C 114 2.60 11.47 11.49
CA ALA C 114 1.67 12.58 11.53
C ALA C 114 0.34 12.22 10.85
N SER C 115 0.39 11.39 9.79
CA SER C 115 -0.82 10.98 9.08
C SER C 115 -1.66 10.03 9.93
N LEU C 116 -1.01 9.08 10.63
CA LEU C 116 -1.68 8.12 11.51
C LEU C 116 -2.41 8.81 12.63
N ILE C 117 -1.76 9.83 13.25
CA ILE C 117 -2.38 10.60 14.33
C ILE C 117 -3.53 11.44 13.81
N LEU C 118 -3.40 11.98 12.60
CA LEU C 118 -4.46 12.79 11.98
C LEU C 118 -5.73 11.98 11.80
N TYR C 119 -5.60 10.71 11.38
CA TYR C 119 -6.73 9.81 11.18
C TYR C 119 -7.45 9.57 12.51
N ALA C 120 -6.69 9.34 13.58
CA ALA C 120 -7.23 9.14 14.92
C ALA C 120 -7.94 10.42 15.38
N TYR C 121 -7.34 11.60 15.14
CA TYR C 121 -7.95 12.86 15.49
C TYR C 121 -9.26 13.09 14.71
N GLN C 122 -9.27 12.89 13.41
CA GLN C 122 -10.48 13.09 12.60
C GLN C 122 -11.63 12.20 13.06
N LEU C 123 -11.35 10.95 13.41
CA LEU C 123 -12.34 10.01 13.94
C LEU C 123 -12.91 10.50 15.26
N SER C 124 -12.05 11.01 16.17
CA SER C 124 -12.48 11.53 17.47
C SER C 124 -13.49 12.69 17.27
N THR C 125 -13.30 13.53 16.24
CA THR C 125 -14.25 14.61 15.95
C THR C 125 -15.60 14.04 15.49
N ALA C 126 -15.61 12.94 14.72
CA ALA C 126 -16.87 12.33 14.28
C ALA C 126 -17.63 11.71 15.47
N LEU C 127 -16.87 11.09 16.39
CA LEU C 127 -17.39 10.39 17.56
C LEU C 127 -17.84 11.33 18.66
N ALA C 128 -17.23 12.53 18.73
CA ALA C 128 -17.65 13.60 19.65
C ALA C 128 -18.94 14.22 19.11
N TYR C 129 -19.11 14.32 17.77
CA TYR C 129 -20.33 14.80 17.13
C TYR C 129 -21.46 13.83 17.46
N LEU C 130 -21.20 12.52 17.29
CA LEU C 130 -22.15 11.47 17.62
C LEU C 130 -22.52 11.51 19.13
N GLU C 131 -21.53 11.76 20.02
CA GLU C 131 -21.72 11.88 21.47
C GLU C 131 -22.61 13.09 21.78
N SER C 132 -22.42 14.21 21.06
CA SER C 132 -23.22 15.43 21.19
C SER C 132 -24.73 15.17 20.91
N LYS C 133 -25.00 14.23 19.97
CA LYS C 133 -26.34 13.79 19.60
C LYS C 133 -26.81 12.58 20.46
N ARG C 134 -26.05 12.18 21.51
CA ARG C 134 -26.33 11.01 22.34
C ARG C 134 -26.59 9.75 21.51
N PHE C 135 -25.73 9.52 20.51
CA PHE C 135 -25.85 8.37 19.64
C PHE C 135 -24.73 7.39 19.95
N VAL C 136 -25.07 6.17 20.35
CA VAL C 136 -24.09 5.12 20.64
C VAL C 136 -23.92 4.23 19.41
N HIS C 137 -22.74 4.31 18.80
CA HIS C 137 -22.41 3.57 17.58
C HIS C 137 -22.41 2.04 17.64
N ARG C 138 -21.78 1.49 18.70
CA ARG C 138 -21.65 0.05 19.05
C ARG C 138 -20.66 -0.76 18.19
N ASP C 139 -20.04 -0.14 17.20
CA ASP C 139 -19.12 -0.88 16.34
C ASP C 139 -17.96 -0.06 15.85
N ILE C 140 -17.07 0.35 16.73
CA ILE C 140 -15.95 1.16 16.29
C ILE C 140 -14.71 0.30 16.07
N ALA C 141 -14.30 0.24 14.81
CA ALA C 141 -13.17 -0.55 14.38
C ALA C 141 -12.69 -0.01 13.04
N ALA C 142 -11.46 -0.31 12.68
CA ALA C 142 -10.89 0.20 11.42
C ALA C 142 -11.62 -0.36 10.16
N ARG C 143 -12.30 -1.52 10.34
CA ARG C 143 -13.16 -2.24 9.42
C ARG C 143 -14.27 -1.29 8.87
N ASN C 144 -14.75 -0.35 9.72
CA ASN C 144 -15.81 0.58 9.32
C ASN C 144 -15.32 2.00 9.06
N VAL C 145 -14.04 2.16 8.71
CA VAL C 145 -13.45 3.46 8.43
C VAL C 145 -13.01 3.42 6.95
N LEU C 146 -13.31 4.50 6.20
CA LEU C 146 -12.98 4.61 4.77
C LEU C 146 -12.06 5.82 4.52
N VAL C 147 -11.35 5.82 3.39
CA VAL C 147 -10.37 6.84 3.06
C VAL C 147 -10.80 7.70 1.84
N SER C 148 -11.08 9.02 2.06
CA SER C 148 -11.43 9.98 0.99
C SER C 148 -10.19 10.50 0.24
N SER C 149 -9.11 10.73 0.97
CA SER C 149 -7.84 11.22 0.45
C SER C 149 -6.72 10.85 1.42
N ASN C 150 -5.45 11.14 1.06
CA ASN C 150 -4.32 10.85 1.93
C ASN C 150 -4.44 11.54 3.29
N ASP C 151 -5.17 12.65 3.37
CA ASP C 151 -5.33 13.35 4.64
C ASP C 151 -6.79 13.45 5.09
N CYS C 152 -7.59 12.41 4.79
CA CYS C 152 -9.00 12.38 5.18
C CYS C 152 -9.60 10.98 5.26
N VAL C 153 -10.09 10.61 6.46
CA VAL C 153 -10.80 9.36 6.75
C VAL C 153 -12.21 9.69 7.23
N LYS C 154 -13.13 8.76 7.05
CA LYS C 154 -14.51 8.94 7.49
C LYS C 154 -15.11 7.65 8.06
N LEU C 155 -16.09 7.78 8.97
CA LEU C 155 -16.85 6.64 9.45
C LEU C 155 -17.73 6.18 8.25
N GLY C 156 -17.71 4.88 7.97
CA GLY C 156 -18.50 4.30 6.91
C GLY C 156 -19.96 4.20 7.25
N ASP C 157 -20.78 3.81 6.27
CA ASP C 157 -22.23 3.64 6.35
C ASP C 157 -22.64 2.76 7.53
N PHE C 158 -23.62 3.22 8.31
CA PHE C 158 -24.11 2.56 9.51
C PHE C 158 -24.93 1.28 9.19
N GLY C 159 -25.58 1.23 8.02
CA GLY C 159 -26.29 0.04 7.56
C GLY C 159 -25.33 -1.05 7.14
N LEU C 160 -24.30 -0.73 6.29
CA LEU C 160 -23.24 -1.66 5.87
C LEU C 160 -22.30 -2.06 7.03
N SER C 161 -22.34 -1.32 8.15
CA SER C 161 -21.57 -1.61 9.33
C SER C 161 -22.30 -2.76 10.01
N ARG C 162 -21.59 -3.91 10.06
CA ARG C 162 -21.97 -5.21 10.60
C ARG C 162 -22.62 -5.29 11.98
N TYR C 163 -22.02 -4.70 13.03
CA TYR C 163 -22.48 -4.91 14.40
C TYR C 163 -23.09 -3.69 15.14
N MET C 164 -23.59 -2.69 14.40
CA MET C 164 -24.34 -1.59 15.01
C MET C 164 -25.79 -2.09 15.23
N GLU C 165 -26.70 -1.33 15.90
CA GLU C 165 -28.13 -1.73 16.06
C GLU C 165 -28.75 -2.48 14.83
N ASP C 166 -28.63 -1.88 13.64
CA ASP C 166 -29.17 -2.47 12.42
C ASP C 166 -28.14 -3.38 11.76
N GLY C 175 -24.85 -14.59 14.16
CA GLY C 175 -24.68 -14.65 15.61
C GLY C 175 -23.35 -14.12 16.13
N LYS C 176 -22.50 -13.59 15.22
CA LYS C 176 -21.19 -13.06 15.58
C LYS C 176 -21.24 -11.67 16.24
N LEU C 177 -20.22 -11.37 17.09
CA LEU C 177 -19.97 -10.14 17.85
C LEU C 177 -18.48 -9.77 17.72
N PRO C 178 -18.12 -8.46 17.71
CA PRO C 178 -16.70 -8.07 17.63
C PRO C 178 -16.02 -8.01 19.02
N ILE C 179 -15.93 -9.16 19.72
CA ILE C 179 -15.38 -9.33 21.08
C ILE C 179 -14.02 -8.65 21.35
N LYS C 180 -13.07 -8.74 20.39
CA LYS C 180 -11.74 -8.15 20.57
C LYS C 180 -11.69 -6.62 20.54
N TRP C 181 -12.84 -5.96 20.33
CA TRP C 181 -13.01 -4.50 20.28
C TRP C 181 -13.91 -3.99 21.42
N MET C 182 -14.71 -4.87 22.03
CA MET C 182 -15.70 -4.54 23.05
C MET C 182 -15.22 -4.34 24.47
N ALA C 183 -15.87 -3.38 25.13
CA ALA C 183 -15.66 -3.03 26.54
C ALA C 183 -16.15 -4.20 27.40
N PRO C 184 -15.54 -4.44 28.58
CA PRO C 184 -16.00 -5.56 29.41
C PRO C 184 -17.49 -5.55 29.76
N GLU C 185 -18.12 -4.37 29.98
CA GLU C 185 -19.55 -4.32 30.29
C GLU C 185 -20.44 -4.70 29.09
N SER C 186 -19.91 -4.59 27.85
CA SER C 186 -20.62 -4.98 26.65
C SER C 186 -20.55 -6.51 26.42
N ILE C 187 -19.42 -7.13 26.84
CA ILE C 187 -19.22 -8.56 26.72
C ILE C 187 -19.96 -9.26 27.86
N ASN C 188 -19.82 -8.75 29.09
CA ASN C 188 -20.45 -9.35 30.25
C ASN C 188 -21.95 -9.11 30.40
N PHE C 189 -22.42 -7.89 30.10
CA PHE C 189 -23.84 -7.57 30.33
C PHE C 189 -24.58 -7.01 29.14
N ARG C 190 -23.96 -6.95 27.96
CA ARG C 190 -24.54 -6.37 26.75
C ARG C 190 -24.97 -4.90 26.99
N ARG C 191 -24.13 -4.17 27.73
CA ARG C 191 -24.33 -2.77 28.08
C ARG C 191 -23.59 -1.91 27.05
N PHE C 192 -24.33 -1.06 26.32
CA PHE C 192 -23.72 -0.20 25.32
C PHE C 192 -23.99 1.26 25.61
N THR C 193 -22.94 1.97 26.05
CA THR C 193 -22.96 3.39 26.40
C THR C 193 -21.90 4.17 25.59
N SER C 194 -21.85 5.51 25.75
CA SER C 194 -20.79 6.32 25.16
C SER C 194 -19.41 5.93 25.72
N ALA C 195 -19.37 5.46 26.98
CA ALA C 195 -18.14 4.99 27.65
C ALA C 195 -17.63 3.71 27.01
N SER C 196 -18.55 2.83 26.56
CA SER C 196 -18.17 1.58 25.87
C SER C 196 -17.64 1.89 24.45
N ASP C 197 -18.13 2.96 23.80
CA ASP C 197 -17.64 3.43 22.51
C ASP C 197 -16.21 3.95 22.62
N VAL C 198 -15.86 4.59 23.77
CA VAL C 198 -14.51 5.11 24.05
C VAL C 198 -13.51 3.93 24.13
N TRP C 199 -13.93 2.79 24.71
CA TRP C 199 -13.09 1.58 24.75
C TRP C 199 -12.74 1.13 23.34
N MET C 200 -13.78 1.01 22.47
CA MET C 200 -13.72 0.60 21.06
C MET C 200 -12.84 1.56 20.25
N PHE C 201 -12.96 2.88 20.49
CA PHE C 201 -12.12 3.88 19.83
C PHE C 201 -10.63 3.70 20.16
N GLY C 202 -10.30 3.34 21.41
CA GLY C 202 -8.93 3.10 21.82
C GLY C 202 -8.34 1.91 21.07
N VAL C 203 -9.16 0.86 20.83
CA VAL C 203 -8.74 -0.30 20.04
C VAL C 203 -8.53 0.09 18.56
N CYS C 204 -9.37 0.96 18.05
CA CYS C 204 -9.30 1.46 16.69
C CYS C 204 -8.01 2.27 16.49
N MET C 205 -7.67 3.13 17.45
CA MET C 205 -6.42 3.91 17.42
C MET C 205 -5.20 2.98 17.41
N TRP C 206 -5.27 1.86 18.14
CA TRP C 206 -4.19 0.88 18.18
C TRP C 206 -3.98 0.28 16.81
N GLU C 207 -5.09 -0.08 16.11
CA GLU C 207 -5.10 -0.67 14.77
C GLU C 207 -4.49 0.28 13.75
N ILE C 208 -4.78 1.60 13.86
CA ILE C 208 -4.26 2.62 12.96
C ILE C 208 -2.74 2.74 13.11
N LEU C 209 -2.28 2.78 14.36
CA LEU C 209 -0.85 2.87 14.71
C LEU C 209 -0.09 1.58 14.37
N MET C 210 -0.80 0.44 14.35
CA MET C 210 -0.24 -0.85 13.96
C MET C 210 -0.33 -1.12 12.47
N HIS C 211 -0.81 -0.15 11.63
CA HIS C 211 -0.95 -0.25 10.18
C HIS C 211 -1.91 -1.34 9.70
N GLY C 212 -3.06 -1.43 10.35
CA GLY C 212 -4.12 -2.36 9.93
C GLY C 212 -4.02 -3.78 10.46
N VAL C 213 -3.30 -3.96 11.56
CA VAL C 213 -3.17 -5.28 12.19
C VAL C 213 -4.33 -5.43 13.17
N LYS C 214 -5.01 -6.59 13.12
CA LYS C 214 -6.13 -6.87 14.02
C LYS C 214 -5.65 -7.11 15.45
N PRO C 215 -6.41 -6.61 16.44
CA PRO C 215 -6.00 -6.84 17.84
C PRO C 215 -6.20 -8.30 18.26
N PHE C 216 -5.36 -8.77 19.20
CA PHE C 216 -5.41 -10.11 19.78
C PHE C 216 -5.39 -11.26 18.75
N GLN C 217 -4.45 -11.22 17.78
CA GLN C 217 -4.36 -12.32 16.82
C GLN C 217 -3.77 -13.57 17.49
N GLY C 218 -4.31 -14.73 17.15
CA GLY C 218 -3.87 -15.97 17.78
C GLY C 218 -4.47 -16.22 19.15
N VAL C 219 -5.48 -15.42 19.54
CA VAL C 219 -6.19 -15.53 20.83
C VAL C 219 -7.67 -15.84 20.54
N LYS C 220 -8.26 -16.79 21.25
CA LYS C 220 -9.68 -17.15 21.05
C LYS C 220 -10.58 -16.16 21.76
N ASN C 221 -11.72 -15.82 21.16
CA ASN C 221 -12.68 -14.86 21.71
C ASN C 221 -13.03 -15.07 23.18
N ASN C 222 -13.15 -16.34 23.63
CA ASN C 222 -13.50 -16.65 25.03
C ASN C 222 -12.33 -16.41 25.98
N ASP C 223 -11.09 -16.55 25.50
CA ASP C 223 -9.91 -16.27 26.31
C ASP C 223 -9.69 -14.75 26.49
N VAL C 224 -10.25 -13.92 25.58
CA VAL C 224 -10.12 -12.47 25.57
C VAL C 224 -10.61 -11.83 26.87
N ILE C 225 -11.85 -12.10 27.33
CA ILE C 225 -12.36 -11.48 28.56
C ILE C 225 -11.57 -11.88 29.82
N GLY C 226 -11.00 -13.09 29.82
CA GLY C 226 -10.19 -13.57 30.93
C GLY C 226 -8.89 -12.79 31.07
N ARG C 227 -8.30 -12.42 29.93
CA ARG C 227 -7.06 -11.63 29.90
C ARG C 227 -7.34 -10.19 30.29
N ILE C 228 -8.43 -9.61 29.80
CA ILE C 228 -8.82 -8.22 30.10
C ILE C 228 -9.14 -8.04 31.57
N GLU C 229 -9.90 -8.97 32.16
CA GLU C 229 -10.21 -8.89 33.60
C GLU C 229 -8.99 -9.06 34.48
N ASN C 230 -7.97 -9.77 33.99
CA ASN C 230 -6.69 -9.94 34.67
C ASN C 230 -5.73 -8.73 34.50
N GLY C 231 -6.16 -7.70 33.76
CA GLY C 231 -5.39 -6.47 33.58
C GLY C 231 -4.55 -6.39 32.32
N GLU C 232 -4.62 -7.43 31.47
CA GLU C 232 -3.86 -7.47 30.23
C GLU C 232 -4.45 -6.50 29.18
N ARG C 233 -3.58 -5.71 28.56
CA ARG C 233 -3.96 -4.73 27.55
C ARG C 233 -3.09 -4.88 26.28
N LEU C 234 -3.57 -4.36 25.13
CA LEU C 234 -2.83 -4.37 23.87
C LEU C 234 -1.50 -3.63 24.06
N PRO C 235 -0.38 -4.15 23.51
CA PRO C 235 0.92 -3.51 23.75
C PRO C 235 1.13 -2.20 23.02
N MET C 236 2.13 -1.41 23.45
CA MET C 236 2.42 -0.14 22.79
C MET C 236 2.97 -0.41 21.38
N PRO C 237 2.29 0.09 20.33
CA PRO C 237 2.79 -0.15 18.97
C PRO C 237 4.15 0.49 18.72
N PRO C 238 5.02 -0.17 17.92
CA PRO C 238 6.30 0.46 17.55
C PRO C 238 6.13 1.88 16.95
N ASN C 239 6.98 2.81 17.37
CA ASN C 239 6.94 4.22 16.93
C ASN C 239 5.77 5.02 17.51
N CYS C 240 4.88 4.41 18.29
CA CYS C 240 3.76 5.12 18.88
C CYS C 240 4.29 6.05 19.98
N PRO C 241 3.96 7.35 19.93
CA PRO C 241 4.40 8.27 21.00
C PRO C 241 3.90 7.80 22.37
N PRO C 242 4.73 7.82 23.41
CA PRO C 242 4.28 7.36 24.74
C PRO C 242 3.02 8.07 25.25
N THR C 243 2.87 9.35 24.94
CA THR C 243 1.71 10.16 25.30
C THR C 243 0.42 9.63 24.59
N LEU C 244 0.57 9.12 23.37
CA LEU C 244 -0.55 8.54 22.63
C LEU C 244 -0.93 7.18 23.20
N TYR C 245 0.06 6.38 23.61
CA TYR C 245 -0.24 5.07 24.21
C TYR C 245 -0.88 5.21 25.60
N SER C 246 -0.51 6.27 26.33
CA SER C 246 -1.12 6.56 27.63
C SER C 246 -2.62 6.94 27.41
N LEU C 247 -2.93 7.66 26.32
CA LEU C 247 -4.30 8.03 25.98
C LEU C 247 -5.15 6.76 25.71
N MET C 248 -4.57 5.80 24.95
CA MET C 248 -5.20 4.51 24.67
C MET C 248 -5.46 3.73 25.95
N THR C 249 -4.50 3.75 26.93
CA THR C 249 -4.69 3.00 28.17
C THR C 249 -5.77 3.65 29.05
N LYS C 250 -6.03 4.97 28.93
CA LYS C 250 -7.14 5.61 29.68
C LYS C 250 -8.51 5.19 29.09
N CYS C 251 -8.56 4.89 27.76
CA CYS C 251 -9.76 4.35 27.08
C CYS C 251 -10.11 2.94 27.58
N TRP C 252 -9.09 2.22 28.09
CA TRP C 252 -9.24 0.87 28.55
C TRP C 252 -9.29 0.75 30.06
N ALA C 253 -9.84 1.76 30.74
CA ALA C 253 -10.04 1.70 32.17
C ALA C 253 -11.20 0.74 32.38
N TYR C 254 -11.04 -0.30 33.23
CA TYR C 254 -12.12 -1.26 33.48
C TYR C 254 -13.46 -0.56 33.87
N ASP C 255 -13.37 0.40 34.80
CA ASP C 255 -14.49 1.19 35.29
C ASP C 255 -14.80 2.20 34.22
N PRO C 256 -16.00 2.11 33.61
CA PRO C 256 -16.32 3.04 32.51
C PRO C 256 -16.36 4.52 32.92
N SER C 257 -16.63 4.81 34.20
CA SER C 257 -16.61 6.19 34.69
C SER C 257 -15.17 6.79 34.74
N ARG C 258 -14.15 5.93 34.64
CA ARG C 258 -12.75 6.36 34.60
C ARG C 258 -12.25 6.66 33.16
N ARG C 259 -13.03 6.32 32.14
CA ARG C 259 -12.70 6.56 30.74
C ARG C 259 -12.95 8.00 30.36
N PRO C 260 -12.06 8.65 29.57
CA PRO C 260 -12.31 10.04 29.16
C PRO C 260 -13.48 10.17 28.19
N ARG C 261 -13.91 11.41 27.95
CA ARG C 261 -14.96 11.68 26.97
C ARG C 261 -14.31 12.07 25.63
N PHE C 262 -15.09 12.05 24.55
CA PHE C 262 -14.58 12.33 23.22
C PHE C 262 -14.09 13.77 23.05
N THR C 263 -14.61 14.72 23.85
CA THR C 263 -14.18 16.10 23.76
C THR C 263 -12.73 16.23 24.27
N GLU C 264 -12.43 15.52 25.35
CA GLU C 264 -11.09 15.54 25.92
C GLU C 264 -10.15 14.82 24.96
N LEU C 265 -10.57 13.64 24.50
CA LEU C 265 -9.80 12.85 23.53
C LEU C 265 -9.42 13.71 22.33
N LYS C 266 -10.38 14.45 21.75
CA LYS C 266 -10.18 15.33 20.60
C LYS C 266 -9.10 16.37 20.88
N ALA C 267 -9.19 17.06 22.03
CA ALA C 267 -8.25 18.08 22.47
C ALA C 267 -6.84 17.51 22.71
N GLN C 268 -6.76 16.31 23.31
CA GLN C 268 -5.48 15.67 23.58
C GLN C 268 -4.85 15.09 22.31
N LEU C 269 -5.67 14.63 21.36
CA LEU C 269 -5.18 14.15 20.07
C LEU C 269 -4.65 15.32 19.22
N SER C 270 -5.22 16.53 19.39
CA SER C 270 -4.78 17.74 18.72
C SER C 270 -3.38 18.15 19.24
N THR C 271 -3.14 17.99 20.55
CA THR C 271 -1.86 18.33 21.15
C THR C 271 -0.78 17.35 20.68
N ILE C 272 -1.05 16.04 20.77
CA ILE C 272 -0.11 15.01 20.31
C ILE C 272 0.21 15.19 18.82
N LEU C 273 -0.76 15.63 18.01
CA LEU C 273 -0.57 15.86 16.57
C LEU C 273 0.37 17.04 16.31
N GLU C 274 0.14 18.20 16.97
CA GLU C 274 1.01 19.36 16.77
C GLU C 274 2.43 19.14 17.29
N GLU C 275 2.59 18.31 18.34
CA GLU C 275 3.94 18.00 18.84
C GLU C 275 4.73 17.13 17.85
N GLU C 276 4.02 16.29 17.08
CA GLU C 276 4.62 15.44 16.06
C GLU C 276 4.97 16.27 14.82
N LYS C 277 4.11 17.24 14.45
CA LYS C 277 4.35 18.13 13.31
C LYS C 277 5.58 19.02 13.54
N ALA C 278 5.83 19.40 14.80
CA ALA C 278 7.01 20.18 15.14
C ALA C 278 8.19 19.28 15.59
N GLN C 279 8.12 17.96 15.28
CA GLN C 279 9.08 16.89 15.61
C GLN C 279 9.36 16.76 17.12
N TYR D 8 -4.72 27.54 -7.97
CA TYR D 8 -5.14 26.66 -9.07
C TYR D 8 -4.25 25.41 -9.25
N GLU D 9 -3.21 25.25 -8.41
CA GLU D 9 -2.33 24.09 -8.47
C GLU D 9 -2.93 22.90 -7.65
N ILE D 10 -2.96 21.71 -8.27
CA ILE D 10 -3.49 20.46 -7.71
C ILE D 10 -2.34 19.50 -7.30
N GLN D 11 -2.51 18.74 -6.20
CA GLN D 11 -1.49 17.77 -5.78
C GLN D 11 -1.78 16.44 -6.48
N ARG D 12 -0.75 15.78 -7.06
CA ARG D 12 -0.97 14.52 -7.79
C ARG D 12 -1.72 13.45 -7.01
N GLU D 13 -1.40 13.32 -5.73
CA GLU D 13 -2.03 12.35 -4.83
C GLU D 13 -3.55 12.52 -4.70
N ARG D 14 -4.06 13.67 -5.12
CA ARG D 14 -5.49 14.01 -5.10
C ARG D 14 -6.22 13.55 -6.36
N ILE D 15 -5.51 12.91 -7.28
CA ILE D 15 -6.04 12.44 -8.54
C ILE D 15 -5.88 10.92 -8.62
N GLU D 16 -6.96 10.24 -9.01
CA GLU D 16 -6.93 8.81 -9.25
C GLU D 16 -7.15 8.70 -10.77
N LEU D 17 -6.19 8.13 -11.48
CA LEU D 17 -6.26 8.02 -12.93
C LEU D 17 -7.07 6.82 -13.38
N GLY D 18 -7.98 7.04 -14.33
CA GLY D 18 -8.85 6.00 -14.89
C GLY D 18 -8.58 5.70 -16.34
N ARG D 19 -9.63 5.27 -17.08
CA ARG D 19 -9.49 4.87 -18.48
C ARG D 19 -9.19 6.00 -19.46
N CYS D 20 -8.59 5.67 -20.60
CA CYS D 20 -8.30 6.65 -21.63
C CYS D 20 -9.61 6.93 -22.38
N ILE D 21 -9.96 8.22 -22.50
CA ILE D 21 -11.17 8.67 -23.17
C ILE D 21 -10.87 9.49 -24.46
N GLY D 22 -9.65 9.42 -24.97
CA GLY D 22 -9.25 10.17 -26.16
C GLY D 22 -7.76 10.46 -26.23
N GLU D 23 -7.29 10.96 -27.39
CA GLU D 23 -5.86 11.25 -27.59
C GLU D 23 -5.67 12.67 -28.15
N GLY D 24 -4.98 13.52 -27.41
CA GLY D 24 -4.76 14.90 -27.79
C GLY D 24 -3.40 15.19 -28.40
N GLN D 25 -3.20 16.45 -28.83
CA GLN D 25 -1.98 17.01 -29.43
C GLN D 25 -0.70 16.84 -28.59
N PHE D 26 -0.82 16.83 -27.25
CA PHE D 26 0.33 16.71 -26.36
C PHE D 26 0.46 15.32 -25.65
N GLY D 27 -0.64 14.58 -25.61
CA GLY D 27 -0.70 13.28 -24.96
C GLY D 27 -2.12 12.74 -24.80
N ASP D 28 -2.26 11.60 -24.10
CA ASP D 28 -3.56 10.98 -23.88
C ASP D 28 -4.45 11.77 -22.91
N VAL D 29 -5.77 11.61 -23.07
CA VAL D 29 -6.75 12.21 -22.19
C VAL D 29 -7.42 11.07 -21.43
N HIS D 30 -7.48 11.16 -20.12
CA HIS D 30 -8.04 10.12 -19.29
C HIS D 30 -9.23 10.59 -18.48
N GLN D 31 -10.07 9.67 -18.05
CA GLN D 31 -11.13 9.92 -17.11
C GLN D 31 -10.46 9.73 -15.71
N GLY D 32 -11.04 10.31 -14.66
CA GLY D 32 -10.47 10.16 -13.32
C GLY D 32 -11.33 10.72 -12.23
N ILE D 33 -10.79 10.72 -11.01
CA ILE D 33 -11.45 11.28 -9.83
C ILE D 33 -10.52 12.31 -9.17
N TYR D 34 -11.06 13.47 -8.78
CA TYR D 34 -10.31 14.49 -8.10
C TYR D 34 -10.88 14.55 -6.69
N MET D 35 -10.06 14.14 -5.71
CA MET D 35 -10.41 14.14 -4.32
C MET D 35 -10.20 15.55 -3.83
N SER D 36 -11.23 16.39 -3.96
CA SER D 36 -11.27 17.82 -3.60
C SER D 36 -11.02 18.01 -2.12
N PRO D 37 -10.18 18.99 -1.74
CA PRO D 37 -9.77 19.14 -0.33
C PRO D 37 -10.85 18.95 0.75
N GLU D 38 -11.90 19.78 0.78
CA GLU D 38 -12.97 19.59 1.79
C GLU D 38 -14.32 19.54 1.08
N ASN D 39 -14.37 18.82 -0.03
CA ASN D 39 -15.56 18.70 -0.88
C ASN D 39 -15.70 17.25 -1.36
N PRO D 40 -16.86 16.88 -1.97
CA PRO D 40 -17.00 15.51 -2.49
C PRO D 40 -16.15 15.33 -3.76
N ALA D 41 -15.69 14.11 -4.00
CA ALA D 41 -14.85 13.76 -5.14
C ALA D 41 -15.55 14.05 -6.47
N LEU D 42 -14.81 14.66 -7.40
CA LEU D 42 -15.33 15.03 -8.69
C LEU D 42 -14.89 14.10 -9.80
N ALA D 43 -15.76 13.89 -10.79
CA ALA D 43 -15.36 13.13 -11.98
C ALA D 43 -14.66 14.17 -12.88
N VAL D 44 -13.43 13.89 -13.24
CA VAL D 44 -12.59 14.81 -14.00
C VAL D 44 -12.04 14.18 -15.29
N ALA D 45 -11.52 15.03 -16.19
CA ALA D 45 -10.89 14.63 -17.44
C ALA D 45 -9.46 15.15 -17.35
N ILE D 46 -8.49 14.26 -17.52
CA ILE D 46 -7.08 14.60 -17.37
C ILE D 46 -6.34 14.70 -18.68
N LYS D 47 -5.85 15.90 -19.01
CA LYS D 47 -5.04 16.10 -20.20
C LYS D 47 -3.61 15.82 -19.78
N THR D 48 -2.98 14.77 -20.34
CA THR D 48 -1.59 14.46 -20.02
C THR D 48 -0.63 14.94 -21.12
N CYS D 49 0.65 15.10 -20.77
CA CYS D 49 1.66 15.57 -21.71
C CYS D 49 2.89 14.63 -21.71
N LYS D 50 3.26 14.05 -22.88
CA LYS D 50 4.39 13.12 -22.97
C LYS D 50 5.75 13.81 -22.99
N ASN D 51 5.85 14.91 -23.73
CA ASN D 51 7.12 15.61 -23.89
C ASN D 51 7.19 16.93 -23.14
N CYS D 52 6.38 17.11 -22.08
CA CYS D 52 6.40 18.35 -21.31
C CYS D 52 7.65 18.50 -20.40
N THR D 53 8.65 17.63 -20.63
CA THR D 53 9.94 17.65 -19.96
C THR D 53 10.79 18.84 -20.50
N SER D 54 10.55 19.27 -21.78
CA SER D 54 11.19 20.42 -22.42
C SER D 54 10.28 21.63 -22.22
N ASP D 55 10.89 22.79 -21.93
CA ASP D 55 10.18 24.04 -21.65
C ASP D 55 9.35 24.61 -22.81
N SER D 56 9.59 24.15 -24.05
CA SER D 56 8.85 24.66 -25.21
C SER D 56 7.45 24.04 -25.29
N VAL D 57 7.37 22.71 -25.07
CA VAL D 57 6.12 21.95 -25.09
C VAL D 57 5.31 22.29 -23.83
N ARG D 58 6.00 22.39 -22.68
CA ARG D 58 5.44 22.72 -21.37
C ARG D 58 4.72 24.08 -21.38
N GLU D 59 5.31 25.06 -22.10
CA GLU D 59 4.79 26.42 -22.26
C GLU D 59 3.48 26.43 -23.05
N LYS D 60 3.47 25.75 -24.21
CA LYS D 60 2.30 25.70 -25.09
C LYS D 60 1.12 24.97 -24.45
N PHE D 61 1.41 23.93 -23.68
CA PHE D 61 0.41 23.11 -23.00
C PHE D 61 -0.30 23.88 -21.90
N LEU D 62 0.46 24.55 -21.02
CA LEU D 62 -0.10 25.28 -19.89
C LEU D 62 -0.88 26.54 -20.29
N GLN D 63 -0.66 27.10 -21.50
CA GLN D 63 -1.43 28.24 -21.97
C GLN D 63 -2.88 27.81 -22.36
N GLU D 64 -3.08 26.52 -22.71
CA GLU D 64 -4.41 25.97 -23.02
C GLU D 64 -5.31 25.99 -21.78
N ALA D 65 -4.72 25.82 -20.59
CA ALA D 65 -5.40 25.87 -19.30
C ALA D 65 -5.73 27.33 -18.94
N LEU D 66 -4.83 28.25 -19.25
CA LEU D 66 -4.99 29.68 -19.03
C LEU D 66 -6.10 30.25 -19.92
N THR D 67 -6.24 29.71 -21.15
CA THR D 67 -7.30 30.10 -22.08
C THR D 67 -8.64 29.74 -21.46
N MET D 68 -8.76 28.51 -20.94
CA MET D 68 -10.01 28.05 -20.33
C MET D 68 -10.32 28.76 -19.00
N ARG D 69 -9.29 29.17 -18.27
CA ARG D 69 -9.37 29.85 -16.99
C ARG D 69 -10.11 31.18 -17.04
N GLN D 70 -10.02 31.88 -18.18
CA GLN D 70 -10.71 33.15 -18.30
C GLN D 70 -12.22 32.98 -18.59
N PHE D 71 -12.71 31.74 -18.79
CA PHE D 71 -14.12 31.52 -19.09
C PHE D 71 -14.92 30.96 -17.93
N ASP D 72 -16.19 31.30 -17.88
CA ASP D 72 -17.09 30.84 -16.85
C ASP D 72 -18.49 30.84 -17.43
N HIS D 73 -18.86 29.70 -18.03
CA HIS D 73 -20.14 29.48 -18.67
C HIS D 73 -20.59 28.06 -18.45
N PRO D 74 -21.87 27.86 -18.12
CA PRO D 74 -22.37 26.50 -17.89
C PRO D 74 -22.31 25.57 -19.10
N HIS D 75 -22.07 26.10 -20.31
CA HIS D 75 -21.97 25.31 -21.53
C HIS D 75 -20.57 25.34 -22.17
N ILE D 76 -19.54 25.60 -21.36
CA ILE D 76 -18.13 25.53 -21.77
C ILE D 76 -17.43 24.75 -20.63
N VAL D 77 -16.67 23.67 -20.95
CA VAL D 77 -15.95 22.88 -19.94
C VAL D 77 -15.05 23.76 -19.06
N LYS D 78 -15.16 23.57 -17.75
CA LYS D 78 -14.41 24.34 -16.77
C LYS D 78 -13.03 23.79 -16.56
N LEU D 79 -12.11 24.65 -16.15
CA LEU D 79 -10.79 24.24 -15.71
C LEU D 79 -10.91 23.95 -14.22
N ILE D 80 -10.42 22.81 -13.79
CA ILE D 80 -10.39 22.47 -12.36
C ILE D 80 -9.04 22.90 -11.76
N GLY D 81 -7.94 22.62 -12.47
CA GLY D 81 -6.62 23.04 -12.06
C GLY D 81 -5.53 22.41 -12.89
N VAL D 82 -4.25 22.60 -12.48
CA VAL D 82 -3.08 22.02 -13.18
C VAL D 82 -2.10 21.40 -12.17
N ILE D 83 -1.26 20.47 -12.65
CA ILE D 83 -0.18 19.85 -11.87
C ILE D 83 1.06 20.20 -12.68
N THR D 84 1.81 21.22 -12.25
CA THR D 84 2.95 21.73 -13.02
C THR D 84 4.27 20.97 -12.74
N GLU D 85 4.23 19.94 -11.90
CA GLU D 85 5.41 19.11 -11.70
C GLU D 85 5.39 18.04 -12.81
N ASN D 86 6.52 17.37 -13.05
CA ASN D 86 6.55 16.38 -14.13
C ASN D 86 6.04 14.99 -13.72
N PRO D 87 5.15 14.35 -14.52
CA PRO D 87 4.57 14.85 -15.79
C PRO D 87 3.43 15.86 -15.60
N VAL D 88 3.45 16.92 -16.40
CA VAL D 88 2.44 17.97 -16.31
C VAL D 88 1.05 17.50 -16.80
N TRP D 89 0.01 17.81 -15.99
CA TRP D 89 -1.37 17.47 -16.29
C TRP D 89 -2.27 18.70 -16.11
N ILE D 90 -3.36 18.78 -16.91
CA ILE D 90 -4.39 19.80 -16.77
C ILE D 90 -5.69 19.06 -16.41
N ILE D 91 -6.31 19.46 -15.30
CA ILE D 91 -7.53 18.82 -14.79
C ILE D 91 -8.72 19.63 -15.24
N MET D 92 -9.67 19.00 -15.93
CA MET D 92 -10.86 19.68 -16.43
C MET D 92 -12.12 18.94 -15.98
N GLU D 93 -13.28 19.59 -16.10
CA GLU D 93 -14.52 18.94 -15.73
C GLU D 93 -14.85 17.87 -16.80
N LEU D 94 -15.26 16.67 -16.34
CA LEU D 94 -15.63 15.57 -17.23
C LEU D 94 -17.09 15.70 -17.64
N CYS D 95 -17.38 15.51 -18.95
CA CYS D 95 -18.75 15.49 -19.48
C CYS D 95 -18.97 14.01 -19.67
N THR D 96 -19.47 13.36 -18.64
CA THR D 96 -19.63 11.91 -18.52
C THR D 96 -20.23 11.18 -19.74
N LEU D 97 -21.24 11.74 -20.41
CA LEU D 97 -21.86 11.04 -21.53
C LEU D 97 -21.00 10.96 -22.81
N GLY D 98 -19.87 11.63 -22.85
CA GLY D 98 -18.98 11.55 -23.99
C GLY D 98 -19.17 12.56 -25.12
N GLU D 99 -18.73 12.16 -26.32
CA GLU D 99 -18.79 12.92 -27.58
C GLU D 99 -20.18 13.04 -28.15
N LEU D 100 -20.54 14.26 -28.66
CA LEU D 100 -21.87 14.54 -29.21
C LEU D 100 -22.24 13.76 -30.47
N ARG D 101 -21.36 13.63 -31.47
CA ARG D 101 -21.70 12.89 -32.70
C ARG D 101 -22.04 11.44 -32.38
N SER D 102 -21.24 10.81 -31.55
CA SER D 102 -21.42 9.45 -31.11
C SER D 102 -22.75 9.26 -30.38
N PHE D 103 -23.09 10.21 -29.48
CA PHE D 103 -24.33 10.24 -28.71
C PHE D 103 -25.56 10.40 -29.65
N LEU D 104 -25.47 11.31 -30.65
CA LEU D 104 -26.52 11.57 -31.65
C LEU D 104 -26.71 10.41 -32.63
N GLN D 105 -25.66 9.62 -32.88
CA GLN D 105 -25.74 8.47 -33.79
C GLN D 105 -26.38 7.27 -33.07
N VAL D 106 -25.95 7.00 -31.83
CA VAL D 106 -26.49 5.91 -31.01
C VAL D 106 -27.97 6.15 -30.69
N ARG D 107 -28.40 7.42 -30.56
CA ARG D 107 -29.80 7.73 -30.27
C ARG D 107 -30.56 8.23 -31.50
N LYS D 108 -30.09 7.90 -32.74
CA LYS D 108 -30.65 8.32 -34.03
C LYS D 108 -32.18 8.52 -34.04
N TYR D 109 -32.93 7.50 -33.64
CA TYR D 109 -34.40 7.58 -33.62
C TYR D 109 -34.97 7.91 -32.22
N SER D 110 -34.18 7.61 -31.18
CA SER D 110 -34.45 7.75 -29.76
C SER D 110 -34.63 9.19 -29.26
N LEU D 111 -33.99 10.16 -29.93
CA LEU D 111 -33.96 11.54 -29.47
C LEU D 111 -34.99 12.45 -30.11
N ASP D 112 -35.82 13.14 -29.31
CA ASP D 112 -36.86 13.99 -29.89
C ASP D 112 -36.31 15.34 -30.40
N LEU D 113 -37.05 15.99 -31.32
CA LEU D 113 -36.67 17.26 -31.94
C LEU D 113 -36.43 18.38 -30.93
N ALA D 114 -37.21 18.41 -29.85
CA ALA D 114 -37.04 19.43 -28.82
C ALA D 114 -35.65 19.36 -28.17
N SER D 115 -35.08 18.14 -28.06
CA SER D 115 -33.74 17.95 -27.50
C SER D 115 -32.68 18.49 -28.46
N LEU D 116 -32.81 18.22 -29.77
CA LEU D 116 -31.87 18.70 -30.78
C LEU D 116 -31.81 20.23 -30.82
N ILE D 117 -32.97 20.91 -30.71
CA ILE D 117 -33.06 22.37 -30.69
C ILE D 117 -32.45 22.94 -29.39
N LEU D 118 -32.64 22.22 -28.27
CA LEU D 118 -32.10 22.64 -26.98
C LEU D 118 -30.57 22.67 -27.03
N TYR D 119 -29.94 21.67 -27.68
CA TYR D 119 -28.48 21.59 -27.79
C TYR D 119 -27.95 22.74 -28.63
N ALA D 120 -28.65 23.09 -29.71
CA ALA D 120 -28.25 24.21 -30.56
C ALA D 120 -28.39 25.49 -29.76
N TYR D 121 -29.48 25.62 -28.98
CA TYR D 121 -29.67 26.81 -28.16
C TYR D 121 -28.55 26.96 -27.13
N GLN D 122 -28.22 25.87 -26.40
CA GLN D 122 -27.16 25.85 -25.40
C GLN D 122 -25.84 26.28 -25.99
N LEU D 123 -25.47 25.71 -27.14
CA LEU D 123 -24.22 26.06 -27.81
C LEU D 123 -24.20 27.53 -28.26
N SER D 124 -25.36 28.07 -28.65
CA SER D 124 -25.49 29.46 -29.08
C SER D 124 -25.39 30.48 -27.94
N THR D 125 -25.52 30.05 -26.68
CA THR D 125 -25.36 30.94 -25.53
C THR D 125 -23.89 31.00 -25.13
N ALA D 126 -23.14 29.92 -25.32
CA ALA D 126 -21.72 29.89 -25.02
C ALA D 126 -20.94 30.76 -26.01
N LEU D 127 -21.39 30.84 -27.26
CA LEU D 127 -20.71 31.59 -28.31
C LEU D 127 -21.06 33.07 -28.27
N ALA D 128 -22.30 33.38 -27.87
CA ALA D 128 -22.75 34.75 -27.61
C ALA D 128 -21.95 35.31 -26.38
N TYR D 129 -21.56 34.44 -25.42
CA TYR D 129 -20.69 34.74 -24.27
C TYR D 129 -19.25 34.97 -24.76
N LEU D 130 -18.70 34.05 -25.59
CA LEU D 130 -17.35 34.17 -26.16
C LEU D 130 -17.23 35.40 -27.03
N GLU D 131 -18.32 35.77 -27.76
CA GLU D 131 -18.40 36.96 -28.63
C GLU D 131 -18.33 38.22 -27.77
N SER D 132 -18.99 38.22 -26.60
CA SER D 132 -18.99 39.30 -25.60
C SER D 132 -17.57 39.57 -25.08
N LYS D 133 -16.75 38.52 -24.95
CA LYS D 133 -15.35 38.60 -24.53
C LYS D 133 -14.38 38.75 -25.72
N ARG D 134 -14.90 39.00 -26.94
CA ARG D 134 -14.13 39.15 -28.17
C ARG D 134 -13.18 37.99 -28.41
N PHE D 135 -13.66 36.77 -28.20
CA PHE D 135 -12.86 35.57 -28.39
C PHE D 135 -13.36 34.80 -29.60
N VAL D 136 -12.48 34.58 -30.58
CA VAL D 136 -12.79 33.84 -31.79
C VAL D 136 -12.34 32.39 -31.61
N HIS D 137 -13.30 31.47 -31.55
CA HIS D 137 -13.05 30.05 -31.34
C HIS D 137 -12.21 29.34 -32.40
N ARG D 138 -12.56 29.58 -33.67
CA ARG D 138 -11.91 29.07 -34.90
C ARG D 138 -12.16 27.61 -35.27
N ASP D 139 -12.90 26.88 -34.47
CA ASP D 139 -13.15 25.47 -34.78
C ASP D 139 -14.47 24.96 -34.23
N ILE D 140 -15.58 25.44 -34.77
CA ILE D 140 -16.86 24.98 -34.26
C ILE D 140 -17.41 23.84 -35.10
N ALA D 141 -17.60 22.70 -34.44
CA ALA D 141 -18.09 21.50 -35.08
C ALA D 141 -18.66 20.60 -34.01
N ALA D 142 -19.49 19.64 -34.41
CA ALA D 142 -20.10 18.72 -33.44
C ALA D 142 -19.07 17.79 -32.74
N ARG D 143 -17.90 17.65 -33.37
CA ARG D 143 -16.69 16.95 -33.02
C ARG D 143 -16.17 17.49 -31.68
N ASN D 144 -16.33 18.80 -31.43
CA ASN D 144 -15.84 19.48 -30.23
C ASN D 144 -16.95 19.82 -29.23
N VAL D 145 -18.04 19.07 -29.25
CA VAL D 145 -19.15 19.26 -28.32
C VAL D 145 -19.25 17.96 -27.49
N LEU D 146 -19.43 18.10 -26.18
CA LEU D 146 -19.48 16.97 -25.29
C LEU D 146 -20.82 16.93 -24.58
N VAL D 147 -21.22 15.76 -24.09
CA VAL D 147 -22.50 15.59 -23.44
C VAL D 147 -22.39 15.42 -21.91
N SER D 148 -22.91 16.38 -21.16
CA SER D 148 -22.87 16.32 -19.71
C SER D 148 -23.99 15.45 -19.17
N SER D 149 -25.19 15.64 -19.71
CA SER D 149 -26.42 14.96 -19.34
C SER D 149 -27.37 14.94 -20.57
N ASN D 150 -28.50 14.25 -20.50
CA ASN D 150 -29.46 14.19 -21.60
C ASN D 150 -29.97 15.58 -22.00
N ASP D 151 -29.92 16.56 -21.09
CA ASP D 151 -30.36 17.91 -21.43
C ASP D 151 -29.26 18.95 -21.25
N CYS D 152 -28.00 18.56 -21.51
CA CYS D 152 -26.87 19.48 -21.39
C CYS D 152 -25.68 19.10 -22.23
N VAL D 153 -25.31 20.00 -23.13
CA VAL D 153 -24.12 19.90 -23.97
C VAL D 153 -23.18 21.04 -23.62
N LYS D 154 -21.90 20.83 -23.85
CA LYS D 154 -20.91 21.86 -23.60
C LYS D 154 -19.89 21.91 -24.73
N LEU D 155 -19.29 23.08 -24.93
CA LEU D 155 -18.19 23.24 -25.86
C LEU D 155 -17.01 22.57 -25.17
N GLY D 156 -16.39 21.63 -25.88
CA GLY D 156 -15.22 20.93 -25.38
C GLY D 156 -13.99 21.83 -25.31
N ASP D 157 -12.91 21.32 -24.68
CA ASP D 157 -11.65 22.03 -24.51
C ASP D 157 -11.15 22.64 -25.80
N PHE D 158 -10.79 23.95 -25.76
CA PHE D 158 -10.33 24.73 -26.90
C PHE D 158 -9.00 24.20 -27.42
N GLY D 159 -8.10 23.79 -26.53
CA GLY D 159 -6.83 23.19 -26.91
C GLY D 159 -7.01 21.91 -27.71
N LEU D 160 -7.93 21.02 -27.26
CA LEU D 160 -8.25 19.77 -27.97
C LEU D 160 -9.15 20.02 -29.22
N SER D 161 -9.81 21.20 -29.30
CA SER D 161 -10.68 21.57 -30.41
C SER D 161 -9.90 21.99 -31.66
N LEU D 177 -6.83 21.12 -41.85
CA LEU D 177 -7.84 22.17 -41.77
C LEU D 177 -9.26 21.62 -41.93
N PRO D 178 -10.24 22.13 -41.13
CA PRO D 178 -11.62 21.65 -41.28
C PRO D 178 -12.43 22.40 -42.37
N ILE D 179 -11.98 22.30 -43.64
CA ILE D 179 -12.54 22.95 -44.83
C ILE D 179 -14.07 22.89 -44.97
N LYS D 180 -14.70 21.72 -44.70
CA LYS D 180 -16.15 21.55 -44.82
C LYS D 180 -17.00 22.30 -43.78
N TRP D 181 -16.35 22.98 -42.83
CA TRP D 181 -16.96 23.74 -41.76
C TRP D 181 -16.64 25.24 -41.86
N MET D 182 -15.57 25.60 -42.61
CA MET D 182 -15.04 26.95 -42.70
C MET D 182 -15.74 27.90 -43.65
N ALA D 183 -15.79 29.18 -43.21
CA ALA D 183 -16.33 30.31 -43.94
C ALA D 183 -15.39 30.60 -45.11
N PRO D 184 -15.93 31.09 -46.24
CA PRO D 184 -15.05 31.35 -47.40
C PRO D 184 -13.89 32.29 -47.13
N GLU D 185 -14.09 33.31 -46.31
CA GLU D 185 -13.05 34.27 -45.99
C GLU D 185 -11.88 33.66 -45.18
N SER D 186 -12.12 32.51 -44.57
CA SER D 186 -11.11 31.81 -43.77
C SER D 186 -10.33 30.85 -44.69
N ILE D 187 -11.03 30.18 -45.61
CA ILE D 187 -10.40 29.28 -46.56
C ILE D 187 -9.54 30.13 -47.52
N ASN D 188 -10.08 31.24 -48.03
CA ASN D 188 -9.40 32.08 -48.98
C ASN D 188 -8.31 32.99 -48.42
N PHE D 189 -8.53 33.60 -47.23
CA PHE D 189 -7.55 34.55 -46.73
C PHE D 189 -7.04 34.29 -45.31
N ARG D 190 -7.44 33.16 -44.71
CA ARG D 190 -7.08 32.80 -43.33
C ARG D 190 -7.53 33.89 -42.36
N ARG D 191 -8.72 34.46 -42.61
CA ARG D 191 -9.34 35.50 -41.81
C ARG D 191 -10.31 34.84 -40.84
N PHE D 192 -10.08 35.02 -39.55
CA PHE D 192 -10.93 34.40 -38.53
C PHE D 192 -11.51 35.47 -37.64
N THR D 193 -12.83 35.67 -37.78
CA THR D 193 -13.62 36.64 -37.02
C THR D 193 -14.81 35.92 -36.32
N SER D 194 -15.58 36.63 -35.47
CA SER D 194 -16.80 36.09 -34.87
C SER D 194 -17.80 35.71 -36.00
N ALA D 195 -17.80 36.46 -37.15
CA ALA D 195 -18.68 36.21 -38.32
C ALA D 195 -18.31 34.87 -38.96
N SER D 196 -17.00 34.51 -38.95
CA SER D 196 -16.57 33.22 -39.49
C SER D 196 -16.99 32.07 -38.55
N ASP D 197 -17.07 32.33 -37.23
CA ASP D 197 -17.54 31.39 -36.22
C ASP D 197 -19.04 31.10 -36.41
N VAL D 198 -19.83 32.11 -36.83
CA VAL D 198 -21.27 31.98 -37.11
C VAL D 198 -21.49 31.01 -38.26
N TRP D 199 -20.63 31.06 -39.30
CA TRP D 199 -20.71 30.15 -40.44
C TRP D 199 -20.57 28.71 -39.93
N MET D 200 -19.52 28.46 -39.11
CA MET D 200 -19.17 27.18 -38.51
C MET D 200 -20.31 26.67 -37.61
N PHE D 201 -20.93 27.55 -36.81
CA PHE D 201 -22.04 27.19 -35.93
C PHE D 201 -23.25 26.72 -36.73
N GLY D 202 -23.51 27.29 -37.91
CA GLY D 202 -24.62 26.87 -38.75
C GLY D 202 -24.40 25.46 -39.26
N VAL D 203 -23.13 25.13 -39.61
CA VAL D 203 -22.75 23.78 -40.05
C VAL D 203 -22.93 22.79 -38.87
N CYS D 204 -22.58 23.22 -37.65
CA CYS D 204 -22.74 22.43 -36.44
C CYS D 204 -24.21 22.13 -36.16
N MET D 205 -25.08 23.13 -36.34
CA MET D 205 -26.54 22.96 -36.21
C MET D 205 -27.08 21.96 -37.21
N TRP D 206 -26.53 21.95 -38.42
CA TRP D 206 -26.96 21.02 -39.46
C TRP D 206 -26.60 19.59 -39.04
N GLU D 207 -25.39 19.39 -38.47
CA GLU D 207 -24.90 18.11 -37.98
C GLU D 207 -25.77 17.58 -36.82
N ILE D 208 -26.26 18.48 -35.91
CA ILE D 208 -27.11 18.04 -34.81
C ILE D 208 -28.45 17.56 -35.33
N LEU D 209 -29.04 18.34 -36.22
CA LEU D 209 -30.32 18.00 -36.86
C LEU D 209 -30.21 16.76 -37.75
N MET D 210 -29.03 16.47 -38.27
CA MET D 210 -28.77 15.29 -39.08
C MET D 210 -28.35 14.09 -38.25
N HIS D 211 -28.35 14.18 -36.91
CA HIS D 211 -28.01 13.10 -35.98
C HIS D 211 -26.53 12.65 -36.03
N GLY D 212 -25.60 13.59 -36.20
CA GLY D 212 -24.18 13.26 -36.19
C GLY D 212 -23.59 12.87 -37.52
N VAL D 213 -24.23 13.29 -38.62
CA VAL D 213 -23.74 13.04 -39.96
C VAL D 213 -22.81 14.20 -40.36
N LYS D 214 -21.62 13.88 -40.90
CA LYS D 214 -20.65 14.89 -41.32
C LYS D 214 -21.11 15.60 -42.57
N PRO D 215 -20.88 16.92 -42.68
CA PRO D 215 -21.30 17.64 -43.89
C PRO D 215 -20.42 17.29 -45.10
N PHE D 216 -21.01 17.35 -46.28
CA PHE D 216 -20.34 17.11 -47.56
C PHE D 216 -19.61 15.75 -47.66
N GLN D 217 -20.28 14.64 -47.28
CA GLN D 217 -19.63 13.33 -47.41
C GLN D 217 -19.56 12.91 -48.87
N GLY D 218 -18.43 12.32 -49.26
CA GLY D 218 -18.23 11.92 -50.64
C GLY D 218 -17.83 13.06 -51.58
N VAL D 219 -17.47 14.23 -50.99
CA VAL D 219 -17.04 15.45 -51.69
C VAL D 219 -15.59 15.74 -51.25
N LYS D 220 -14.70 16.02 -52.20
CA LYS D 220 -13.30 16.30 -51.90
C LYS D 220 -13.15 17.74 -51.44
N ASN D 221 -12.26 17.99 -50.45
CA ASN D 221 -12.04 19.33 -49.88
C ASN D 221 -11.85 20.45 -50.92
N ASN D 222 -11.17 20.16 -52.05
CA ASN D 222 -10.94 21.16 -53.11
C ASN D 222 -12.19 21.45 -53.93
N ASP D 223 -13.10 20.48 -54.05
CA ASP D 223 -14.36 20.67 -54.76
C ASP D 223 -15.33 21.50 -53.89
N VAL D 224 -15.16 21.51 -52.53
CA VAL D 224 -16.00 22.20 -51.58
C VAL D 224 -15.99 23.70 -51.84
N ILE D 225 -14.77 24.26 -51.93
CA ILE D 225 -14.45 25.66 -52.16
C ILE D 225 -15.20 26.18 -53.36
N GLY D 226 -15.19 25.41 -54.44
CA GLY D 226 -15.92 25.72 -55.66
C GLY D 226 -17.41 25.81 -55.42
N ARG D 227 -18.07 24.71 -55.01
CA ARG D 227 -19.51 24.61 -54.73
C ARG D 227 -20.05 25.76 -53.88
N ILE D 228 -19.30 26.11 -52.82
CA ILE D 228 -19.60 27.19 -51.86
C ILE D 228 -19.58 28.57 -52.53
N GLU D 229 -18.60 28.81 -53.40
CA GLU D 229 -18.53 30.07 -54.13
C GLU D 229 -19.58 30.19 -55.22
N ASN D 230 -20.04 29.05 -55.74
CA ASN D 230 -21.11 29.01 -56.73
C ASN D 230 -22.53 29.13 -56.10
N GLY D 231 -22.62 29.25 -54.76
CA GLY D 231 -23.87 29.42 -54.03
C GLY D 231 -24.53 28.16 -53.49
N GLU D 232 -23.86 27.00 -53.65
CA GLU D 232 -24.41 25.73 -53.18
C GLU D 232 -24.32 25.63 -51.65
N ARG D 233 -25.41 25.19 -50.98
CA ARG D 233 -25.47 25.06 -49.53
C ARG D 233 -25.94 23.67 -49.08
N LEU D 234 -25.66 23.28 -47.82
CA LEU D 234 -26.11 22.00 -47.24
C LEU D 234 -27.64 21.95 -47.28
N PRO D 235 -28.23 20.78 -47.61
CA PRO D 235 -29.70 20.73 -47.76
C PRO D 235 -30.47 20.75 -46.45
N MET D 236 -31.79 21.05 -46.51
CA MET D 236 -32.62 21.07 -45.32
C MET D 236 -32.74 19.66 -44.75
N PRO D 237 -32.29 19.41 -43.50
CA PRO D 237 -32.40 18.06 -42.93
C PRO D 237 -33.87 17.61 -42.79
N PRO D 238 -34.15 16.32 -42.99
CA PRO D 238 -35.53 15.84 -42.79
C PRO D 238 -36.03 16.13 -41.37
N ASN D 239 -37.31 16.55 -41.24
CA ASN D 239 -37.93 16.92 -39.96
C ASN D 239 -37.45 18.25 -39.37
N CYS D 240 -36.49 18.93 -40.04
CA CYS D 240 -35.97 20.19 -39.53
C CYS D 240 -37.03 21.26 -39.75
N PRO D 241 -37.42 22.00 -38.69
CA PRO D 241 -38.43 23.07 -38.86
C PRO D 241 -37.95 24.08 -39.92
N PRO D 242 -38.83 24.50 -40.83
CA PRO D 242 -38.40 25.44 -41.88
C PRO D 242 -37.76 26.72 -41.33
N THR D 243 -38.26 27.21 -40.19
CA THR D 243 -37.75 28.41 -39.53
C THR D 243 -36.28 28.18 -39.06
N LEU D 244 -35.95 26.94 -38.64
CA LEU D 244 -34.61 26.59 -38.21
C LEU D 244 -33.68 26.49 -39.42
N TYR D 245 -34.15 25.96 -40.54
CA TYR D 245 -33.30 25.86 -41.74
C TYR D 245 -33.04 27.24 -42.36
N SER D 246 -34.03 28.15 -42.26
CA SER D 246 -33.87 29.53 -42.72
C SER D 246 -32.78 30.21 -41.87
N LEU D 247 -32.72 29.91 -40.56
CA LEU D 247 -31.69 30.45 -39.66
C LEU D 247 -30.28 29.98 -40.07
N MET D 248 -30.13 28.68 -40.39
CA MET D 248 -28.88 28.11 -40.86
C MET D 248 -28.46 28.73 -42.19
N THR D 249 -29.43 29.04 -43.11
CA THR D 249 -29.07 29.66 -44.41
C THR D 249 -28.66 31.13 -44.25
N LYS D 250 -29.04 31.79 -43.14
CA LYS D 250 -28.60 33.16 -42.90
C LYS D 250 -27.14 33.14 -42.41
N CYS D 251 -26.72 32.09 -41.63
CA CYS D 251 -25.33 31.87 -41.15
C CYS D 251 -24.37 31.61 -42.33
N TRP D 252 -24.90 31.28 -43.52
CA TRP D 252 -24.10 30.95 -44.68
C TRP D 252 -24.13 32.00 -45.78
N ALA D 253 -24.42 33.24 -45.40
CA ALA D 253 -24.38 34.37 -46.31
C ALA D 253 -22.91 34.57 -46.71
N TYR D 254 -22.58 34.62 -48.00
CA TYR D 254 -21.19 34.79 -48.43
C TYR D 254 -20.50 35.99 -47.75
N ASP D 255 -21.20 37.13 -47.73
CA ASP D 255 -20.75 38.37 -47.11
C ASP D 255 -20.93 38.18 -45.62
N PRO D 256 -19.81 38.21 -44.86
CA PRO D 256 -19.91 37.99 -43.41
C PRO D 256 -20.74 39.03 -42.66
N SER D 257 -20.82 40.26 -43.19
CA SER D 257 -21.65 41.31 -42.59
C SER D 257 -23.17 41.02 -42.72
N ARG D 258 -23.55 40.10 -43.63
CA ARG D 258 -24.94 39.68 -43.82
C ARG D 258 -25.36 38.52 -42.86
N ARG D 259 -24.39 37.88 -42.20
CA ARG D 259 -24.67 36.78 -41.26
C ARG D 259 -25.13 37.37 -39.94
N PRO D 260 -26.05 36.71 -39.24
CA PRO D 260 -26.49 37.22 -37.94
C PRO D 260 -25.43 37.08 -36.86
N ARG D 261 -25.63 37.79 -35.75
CA ARG D 261 -24.76 37.71 -34.60
C ARG D 261 -25.29 36.64 -33.63
N PHE D 262 -24.45 36.20 -32.68
CA PHE D 262 -24.85 35.18 -31.74
C PHE D 262 -25.98 35.59 -30.80
N THR D 263 -26.15 36.89 -30.55
CA THR D 263 -27.25 37.40 -29.73
C THR D 263 -28.59 37.12 -30.43
N GLU D 264 -28.63 37.39 -31.77
CA GLU D 264 -29.82 37.15 -32.60
C GLU D 264 -30.08 35.66 -32.79
N LEU D 265 -28.99 34.87 -32.93
CA LEU D 265 -29.06 33.43 -33.06
C LEU D 265 -29.66 32.82 -31.79
N LYS D 266 -29.21 33.29 -30.61
CA LYS D 266 -29.67 32.82 -29.30
C LYS D 266 -31.17 33.07 -29.09
N ALA D 267 -31.61 34.32 -29.37
CA ALA D 267 -33.00 34.77 -29.25
C ALA D 267 -33.93 34.01 -30.18
N GLN D 268 -33.49 33.80 -31.44
CA GLN D 268 -34.28 33.09 -32.44
C GLN D 268 -34.34 31.59 -32.18
N LEU D 269 -33.26 31.02 -31.60
CA LEU D 269 -33.23 29.62 -31.22
C LEU D 269 -34.18 29.36 -30.02
N SER D 270 -34.36 30.36 -29.15
CA SER D 270 -35.27 30.30 -28.01
C SER D 270 -36.71 30.29 -28.49
N THR D 271 -37.02 31.06 -29.54
CA THR D 271 -38.36 31.10 -30.11
C THR D 271 -38.70 29.78 -30.80
N ILE D 272 -37.80 29.27 -31.67
CA ILE D 272 -37.98 27.99 -32.35
C ILE D 272 -38.14 26.85 -31.34
N LEU D 273 -37.46 26.93 -30.19
CA LEU D 273 -37.55 25.91 -29.14
C LEU D 273 -38.91 25.90 -28.46
N GLU D 274 -39.41 27.08 -28.03
CA GLU D 274 -40.72 27.15 -27.38
C GLU D 274 -41.87 26.78 -28.33
N GLU D 275 -41.73 27.06 -29.64
CA GLU D 275 -42.75 26.67 -30.62
C GLU D 275 -42.80 25.14 -30.80
N GLU D 276 -41.67 24.45 -30.63
CA GLU D 276 -41.59 23.00 -30.74
C GLU D 276 -42.15 22.35 -29.46
N LYS D 277 -41.88 22.95 -28.29
CA LYS D 277 -42.39 22.47 -27.02
C LYS D 277 -43.93 22.54 -26.95
N ALA D 278 -44.52 23.53 -27.61
CA ALA D 278 -45.96 23.67 -27.68
C ALA D 278 -46.54 23.12 -29.02
N GLN D 279 -45.69 22.56 -29.92
CA GLN D 279 -46.01 22.00 -31.24
C GLN D 279 -46.96 22.85 -32.07
C1 Q2H E . 22.86 1.24 18.01
C2 Q2H E . 21.74 2.01 17.70
C3 Q2H E . 21.73 3.37 17.94
C7 Q2H E . 22.84 -0.26 17.80
C9 Q2H E . 22.18 -4.14 16.55
C11 Q2H E . 23.24 -3.84 14.57
C12 Q2H E . 23.35 -2.46 14.78
C13 Q2H E . 22.78 -1.97 16.03
C15 Q2H E . 23.96 -1.60 13.71
C19 Q2H E . 20.68 -3.23 20.66
C20 Q2H E . 21.38 -3.55 19.51
C21 Q2H E . 20.97 -4.63 18.72
C22 Q2H E . 19.87 -5.37 19.11
C24 Q2H E . 19.16 -5.03 20.25
N25 Q2H E . 21.60 -4.96 17.50
N26 Q2H E . 25.22 1.40 18.82
C27 Q2H E . 25.50 1.02 20.20
C31 Q2H E . 27.57 2.43 17.96
C4 Q2H E . 22.85 3.97 18.48
N5 Q2H E . 23.96 3.30 18.78
C6 Q2H E . 23.94 1.98 18.54
N8 Q2H E . 22.92 -0.70 16.41
N10 Q2H E . 22.68 -4.69 15.44
N14 Q2H E . 22.20 -2.84 16.88
F16 Q2H E . 24.45 -2.34 12.67
F17 Q2H E . 23.11 -0.70 13.17
F18 Q2H E . 25.04 -0.89 14.14
C23 Q2H E . 19.58 -3.96 21.02
S28 Q2H E . 26.41 1.15 17.71
O29 Q2H E . 27.02 -0.09 18.04
O30 Q2H E . 25.81 1.30 16.43
C1 Q2H F . 1.73 -22.83 9.75
C2 Q2H F . 1.62 -23.16 11.09
C3 Q2H F . 0.80 -24.19 11.51
C7 Q2H F . 2.60 -21.66 9.35
C9 Q2H F . 5.35 -18.94 8.07
C11 Q2H F . 6.83 -20.48 7.33
C12 Q2H F . 6.05 -21.53 7.79
C13 Q2H F . 4.81 -21.14 8.43
C15 Q2H F . 6.53 -22.94 7.55
C19 Q2H F . 1.65 -16.96 9.65
C20 Q2H F . 2.67 -17.64 9.02
C21 Q2H F . 3.93 -17.05 8.91
C22 Q2H F . 4.15 -15.79 9.47
C24 Q2H F . 3.12 -15.14 10.12
N25 Q2H F . 5.00 -17.64 8.22
N26 Q2H F . 0.89 -23.40 7.40
C27 Q2H F . -0.09 -22.40 6.95
C31 Q2H F . 0.78 -25.69 5.89
C4 Q2H F . 0.12 -24.91 10.55
N5 Q2H F . 0.20 -24.65 9.24
C6 Q2H F . 0.98 -23.62 8.84
N8 Q2H F . 3.93 -22.04 8.85
N10 Q2H F . 6.51 -19.19 7.44
N14 Q2H F . 4.50 -19.84 8.57
F16 Q2H F . 7.86 -23.01 7.33
F17 Q2H F . 6.27 -23.76 8.60
F18 Q2H F . 5.97 -23.51 6.46
C23 Q2H F . 1.87 -15.71 10.19
S28 Q2H F . 1.72 -24.24 6.22
O29 Q2H F . 1.72 -23.44 5.04
O30 Q2H F . 2.97 -24.62 6.80
S SO4 G . 1.72 -40.38 -14.00
O1 SO4 G . 2.38 -39.70 -12.88
O2 SO4 G . 1.59 -41.81 -13.70
O3 SO4 G . 2.51 -40.21 -15.22
O4 SO4 G . 0.38 -39.78 -14.16
C1 Q2H H . -18.68 -1.04 2.00
C2 Q2H H . -19.37 -1.91 1.16
C3 Q2H H . -20.03 -3.00 1.68
C7 Q2H H . -17.93 0.15 1.42
C9 Q2H H . -16.50 3.49 -0.44
C11 Q2H H . -18.14 4.84 0.38
C12 Q2H H . -18.83 3.77 0.93
C13 Q2H H . -18.22 2.48 0.70
C15 Q2H H . -20.09 4.02 1.72
C19 Q2H H . -13.69 -0.04 -1.08
C20 Q2H H . -14.43 1.06 -0.63
C21 Q2H H . -14.50 2.22 -1.41
C22 Q2H H . -13.80 2.27 -2.61
C24 Q2H H . -13.07 1.18 -3.04
N25 Q2H H . -15.28 3.34 -1.04
N26 Q2H H . -17.92 -0.67 4.35
C27 Q2H H . -16.50 -1.02 4.48
C31 Q2H H . -19.00 -0.39 6.84
C4 Q2H H . -20.01 -3.21 3.04
N5 Q2H H . -19.37 -2.41 3.90
C6 Q2H H . -18.70 -1.37 3.37
N8 Q2H H . -18.73 1.36 1.25
N10 Q2H H . -16.98 4.74 -0.29
N14 Q2H H . -17.08 2.37 0.00
F16 Q2H H . -20.58 5.28 1.53
F17 Q2H H . -21.05 3.12 1.45
F18 Q2H H . -19.93 3.89 3.03
C23 Q2H H . -13.01 0.03 -2.29
S28 Q2H H . -18.52 0.47 5.38
O29 Q2H H . -17.44 1.34 5.70
O30 Q2H H . -19.69 1.01 4.75
C1 Q2H I . -11.20 14.75 -25.88
C2 Q2H I . -10.00 14.07 -25.80
C3 Q2H I . -9.02 14.25 -26.77
C7 Q2H I . -12.25 14.55 -24.81
C9 Q2H I . -14.85 14.30 -21.68
C11 Q2H I . -14.35 16.36 -20.88
C12 Q2H I . -13.28 16.50 -21.75
C13 Q2H I . -13.06 15.38 -22.64
C15 Q2H I . -12.51 17.80 -21.75
C19 Q2H I . -16.45 9.66 -22.11
C20 Q2H I . -16.40 10.95 -21.59
C21 Q2H I . -15.78 11.97 -22.30
C22 Q2H I . -15.25 11.69 -23.56
C24 Q2H I . -15.30 10.40 -24.06
N25 Q2H I . -15.69 13.23 -21.66
N26 Q2H I . -12.55 16.28 -27.31
C27 Q2H I . -13.59 15.50 -27.99
C31 Q2H I . -12.33 18.74 -28.46
C4 Q2H I . -9.24 15.13 -27.80
N5 Q2H I . -10.40 15.80 -27.94
C6 Q2H I . -11.33 15.59 -27.00
N8 Q2H I . -12.18 15.44 -23.66
N10 Q2H I . -15.15 15.29 -20.83
N14 Q2H I . -13.84 14.28 -22.57
F16 Q2H I . -12.66 18.51 -20.61
F17 Q2H I . -11.19 17.64 -21.91
F18 Q2H I . -12.92 18.65 -22.73
C23 Q2H I . -15.88 9.39 -23.34
S28 Q2H I . -12.84 17.90 -27.01
O29 Q2H I . -14.26 18.04 -26.87
O30 Q2H I . -11.99 18.28 -25.93
#